data_8W4G
#
_entry.id   8W4G
#
_cell.length_a   50.947
_cell.length_b   101.207
_cell.length_c   234.581
_cell.angle_alpha   90.000
_cell.angle_beta   90.000
_cell.angle_gamma   90.000
#
_symmetry.space_group_name_H-M   'P 21 21 21'
#
loop_
_entity.id
_entity.type
_entity.pdbx_description
1 polymer 'glycoside hydrolase'
2 non-polymer 'CALCIUM ION'
3 water water
#
_entity_poly.entity_id   1
_entity_poly.type   'polypeptide(L)'
_entity_poly.pdbx_seq_one_letter_code
;MVAILAAQHDSLIRVKAEDKLVQTSPSVSAIDALHYLSENSKKEFKEELSKVEKAQPEKLKEIVSKAQQADKQAKTLAEM
KVPEKIPMKPLKGPLYGGYFRTWHDKTSDPAEKDKVNSMGELPKEVDLAFVFHDWTKDYSLFWQELATKHVPTLNKQGTR
VIRTIPWRFLAGGDHSGIAEDAQKYPNTPEGNKALAKAIVDEYVYKYNLDGLDVMIERDSIPKVNKEESKEGIERSIQVF
EEIGKLIGPKGADKSRLFIMDSTYMADKNPLIERGAPYIDLLLVQVYGTQGEKGGFDNANHKAVDTMEERWESYSKYIRP
EQYMVGFSFYEEKANSGNLWYDVNVEDDTNPNIGSEIKGTRAERYAKWQPKTGGVKGGIFSYGIDRDGVAHPKKNGPKTP
DLDKIVKSDYKVSKALKKVMENDKSYELIDQKDFPDKALREAVIAQVGSRRGNLERFNGTLRLDNPDIKSLEGLNKLKKL
AKLELIGLSQITKLDSSVLPENIKPTKDTLVSVLETYKNDDRKEEAKAIPQVALTISGLTGLKELNLAGFDRDSLAGIDA
ASLTSLEKVDLSSNKLDLAAGTENRQILDTMLATVTKHGGVSEKTFVFDHQKPTGLYPDTYGTKSLQLPVANDTIDLQAK
LLFGTVTNQGTLINSEADYKAYQEQEIAGHRFVDSSYDYKAFAVTYKDYKIKVTDSTLGVTDHKDLSTSKEETYKVEFFS
PINSTKPVHEAKIVVGEEKTMMVNLAEGATIIGGDADPTNAKKVFDGLLNNDTTTLSTSNKASIIFELKEPGLVKHWRFF
NDSKISKADYIKEAKLEAFVGHLEDSSKVKDSLEKSTEWVTVSDYSGEAQEFSQPLNNIGAKYWRITIDNKKSQYGYVSL
PELQIIGHRLPEAATVMTTMAAAEELSQQKDKFSQEQLKELEVKVAALKAALDNKMFNADTINASFADVKAYIDKLLADA
AGKKTLGKATKEAQPVATDAKEKAESENPKAD
;
_entity_poly.pdbx_strand_id   A
#
loop_
_chem_comp.id
_chem_comp.type
_chem_comp.name
_chem_comp.formula
CA non-polymer 'CALCIUM ION' 'Ca 2'
#
# COMPACT_ATOMS: atom_id res chain seq x y z
N MET A 80 -12.59 50.87 11.13
CA MET A 80 -12.27 50.03 12.29
C MET A 80 -10.77 50.12 12.60
N LYS A 81 -10.41 50.14 13.88
CA LYS A 81 -9.00 50.29 14.28
C LYS A 81 -8.47 48.99 14.90
N VAL A 82 -7.84 48.17 14.08
CA VAL A 82 -7.33 46.85 14.43
C VAL A 82 -6.01 47.01 15.18
N PRO A 83 -5.90 46.48 16.40
CA PRO A 83 -4.64 46.62 17.14
C PRO A 83 -3.57 45.72 16.55
N GLU A 84 -2.32 46.15 16.73
CA GLU A 84 -1.24 45.31 16.25
C GLU A 84 -1.00 44.15 17.24
N LYS A 85 -0.28 43.15 16.74
CA LYS A 85 -0.20 41.86 17.40
C LYS A 85 0.64 41.95 18.68
N ILE A 86 0.09 41.48 19.79
CA ILE A 86 0.84 41.56 21.02
C ILE A 86 1.74 40.33 21.08
N PRO A 87 2.79 40.35 21.90
CA PRO A 87 3.71 39.22 21.95
C PRO A 87 3.10 38.03 22.66
N MET A 88 3.42 36.84 22.16
CA MET A 88 2.97 35.60 22.79
C MET A 88 4.10 34.58 22.74
N LYS A 89 4.06 33.69 23.73
CA LYS A 89 5.00 32.57 23.81
C LYS A 89 4.72 31.56 22.71
N PRO A 90 5.73 30.80 22.28
CA PRO A 90 5.50 29.73 21.29
C PRO A 90 4.54 28.70 21.84
N LEU A 91 3.78 28.09 20.94
CA LEU A 91 2.88 27.01 21.35
C LEU A 91 3.69 25.85 21.89
N LYS A 92 3.28 25.33 23.03
CA LYS A 92 3.91 24.15 23.60
C LYS A 92 2.83 23.11 23.87
N GLY A 93 3.06 21.85 23.53
CA GLY A 93 2.07 20.80 23.84
C GLY A 93 1.91 20.55 25.33
N PRO A 94 0.97 19.72 25.79
CA PRO A 94 -0.22 19.33 25.03
C PRO A 94 -1.23 20.47 24.73
N LEU A 95 -1.75 20.51 23.52
CA LEU A 95 -2.62 21.64 23.08
C LEU A 95 -4.11 21.34 23.17
N TYR A 96 -4.89 22.35 23.56
CA TYR A 96 -6.34 22.22 23.53
C TYR A 96 -6.96 23.21 22.56
N GLY A 97 -7.87 22.73 21.73
CA GLY A 97 -8.53 23.56 20.73
C GLY A 97 -10.05 23.53 20.90
N GLY A 98 -10.70 24.61 20.43
CA GLY A 98 -12.15 24.71 20.48
C GLY A 98 -12.71 25.50 19.31
N TYR A 99 -13.81 25.02 18.71
CA TYR A 99 -14.48 25.71 17.59
C TYR A 99 -15.67 26.47 18.15
N PHE A 100 -15.58 27.79 18.14
CA PHE A 100 -16.64 28.62 18.68
C PHE A 100 -17.59 29.03 17.54
N ARG A 101 -18.86 28.70 17.67
CA ARG A 101 -19.83 29.01 16.64
C ARG A 101 -20.23 30.48 16.79
N THR A 102 -20.06 31.27 15.71
CA THR A 102 -20.17 32.71 15.84
C THR A 102 -21.57 33.16 16.19
N TRP A 103 -22.59 32.40 15.76
CA TRP A 103 -23.97 32.79 16.04
C TRP A 103 -24.34 32.59 17.49
N HIS A 104 -23.39 32.13 18.30
CA HIS A 104 -23.57 32.07 19.74
C HIS A 104 -22.79 33.15 20.47
N ASP A 105 -22.15 34.07 19.75
CA ASP A 105 -21.61 35.25 20.40
C ASP A 105 -22.72 36.29 20.61
N LYS A 106 -22.79 36.81 21.84
CA LYS A 106 -23.64 37.91 22.26
C LYS A 106 -23.79 39.00 21.21
N THR A 107 -22.68 39.40 20.60
CA THR A 107 -22.65 40.57 19.74
C THR A 107 -23.04 40.28 18.29
N SER A 108 -23.22 39.02 17.90
CA SER A 108 -23.49 38.71 16.50
C SER A 108 -24.83 39.27 16.06
N ASP A 109 -25.89 38.99 16.81
CA ASP A 109 -27.25 39.47 16.49
C ASP A 109 -27.81 40.04 17.78
N PRO A 110 -27.67 41.36 18.01
CA PRO A 110 -28.19 41.97 19.23
C PRO A 110 -29.71 41.84 19.38
N ALA A 111 -30.35 41.24 18.39
CA ALA A 111 -31.77 40.92 18.45
C ALA A 111 -32.05 39.54 19.00
N GLU A 112 -31.08 38.63 18.96
CA GLU A 112 -31.23 37.28 19.52
C GLU A 112 -30.75 37.31 20.97
N LYS A 113 -31.63 37.83 21.83
CA LYS A 113 -31.27 38.00 23.23
C LYS A 113 -31.08 36.66 23.95
N ASP A 114 -31.34 35.53 23.30
CA ASP A 114 -31.01 34.24 23.91
C ASP A 114 -29.54 33.87 23.74
N LYS A 115 -28.83 34.50 22.80
CA LYS A 115 -27.42 34.24 22.57
C LYS A 115 -26.62 34.95 23.64
N VAL A 116 -26.04 34.18 24.56
CA VAL A 116 -25.54 34.71 25.82
C VAL A 116 -24.06 34.50 26.02
N ASN A 117 -23.37 33.75 25.16
CA ASN A 117 -21.95 33.52 25.32
C ASN A 117 -21.12 34.59 24.61
N SER A 118 -19.81 34.52 24.81
CA SER A 118 -18.90 35.46 24.16
C SER A 118 -17.58 34.76 23.88
N MET A 119 -17.05 34.98 22.68
CA MET A 119 -15.76 34.36 22.35
C MET A 119 -14.67 34.84 23.30
N GLY A 120 -14.77 36.09 23.77
CA GLY A 120 -13.73 36.67 24.60
C GLY A 120 -13.58 36.02 25.96
N GLU A 121 -14.57 35.22 26.39
CA GLU A 121 -14.60 34.62 27.72
C GLU A 121 -13.91 33.26 27.79
N LEU A 122 -13.39 32.75 26.67
CA LEU A 122 -12.70 31.46 26.70
C LEU A 122 -11.51 31.54 27.65
N PRO A 123 -11.22 30.47 28.38
CA PRO A 123 -10.14 30.51 29.38
C PRO A 123 -8.79 30.15 28.77
N LYS A 124 -7.73 30.41 29.56
CA LYS A 124 -6.36 30.32 29.06
C LYS A 124 -5.96 28.90 28.74
N GLU A 125 -6.67 27.90 29.29
CA GLU A 125 -6.48 26.51 28.92
C GLU A 125 -6.73 26.27 27.43
N VAL A 126 -7.38 27.21 26.74
CA VAL A 126 -7.63 27.08 25.31
C VAL A 126 -6.45 27.70 24.57
N ASP A 127 -5.66 26.85 23.91
CA ASP A 127 -4.54 27.32 23.11
C ASP A 127 -4.99 27.87 21.75
N LEU A 128 -6.02 27.27 21.16
CA LEU A 128 -6.46 27.58 19.80
C LEU A 128 -7.98 27.73 19.79
N ALA A 129 -8.46 28.93 19.51
CA ALA A 129 -9.89 29.20 19.45
C ALA A 129 -10.21 29.44 17.97
N PHE A 130 -10.94 28.51 17.36
CA PHE A 130 -11.33 28.60 15.97
C PHE A 130 -12.62 29.39 15.87
N VAL A 131 -12.65 30.33 14.93
CA VAL A 131 -13.85 31.08 14.61
C VAL A 131 -14.60 30.25 13.57
N PHE A 132 -15.75 29.69 13.95
CA PHE A 132 -16.55 28.88 13.05
C PHE A 132 -17.82 29.66 12.76
N HIS A 133 -18.00 30.01 11.51
CA HIS A 133 -18.96 31.03 11.13
C HIS A 133 -20.08 30.41 10.30
N ASP A 134 -21.27 31.01 10.37
CA ASP A 134 -22.34 30.73 9.41
C ASP A 134 -22.19 31.74 8.26
N TRP A 135 -21.65 31.30 7.12
CA TRP A 135 -21.27 32.23 6.05
C TRP A 135 -22.46 32.93 5.39
N THR A 136 -23.70 32.58 5.75
CA THR A 136 -24.87 33.26 5.24
C THR A 136 -25.33 34.40 6.15
N LYS A 137 -24.51 34.82 7.10
CA LYS A 137 -24.85 35.96 7.95
C LYS A 137 -23.76 37.00 7.83
N ASP A 138 -24.07 38.21 8.29
CA ASP A 138 -23.12 39.32 8.36
C ASP A 138 -22.39 39.35 9.71
N TYR A 139 -23.15 39.55 10.78
CA TYR A 139 -22.60 39.62 12.13
C TYR A 139 -21.50 40.68 12.22
N SER A 140 -21.68 41.78 11.50
CA SER A 140 -20.59 42.76 11.42
C SER A 140 -20.18 43.25 12.80
N LEU A 141 -21.13 43.34 13.73
CA LEU A 141 -20.77 43.77 15.08
C LEU A 141 -19.86 42.75 15.75
N PHE A 142 -19.98 41.48 15.40
CA PHE A 142 -19.10 40.46 15.99
C PHE A 142 -17.67 40.59 15.49
N TRP A 143 -17.47 40.75 14.17
CA TRP A 143 -16.10 40.90 13.71
C TRP A 143 -15.44 42.14 14.32
N GLN A 144 -16.25 43.15 14.62
CA GLN A 144 -15.74 44.33 15.32
C GLN A 144 -15.30 43.97 16.73
N GLU A 145 -16.16 43.24 17.46
CA GLU A 145 -15.78 42.76 18.77
C GLU A 145 -14.63 41.77 18.68
N LEU A 146 -14.57 40.98 17.61
CA LEU A 146 -13.51 39.99 17.51
C LEU A 146 -12.14 40.67 17.44
N ALA A 147 -12.01 41.63 16.53
CA ALA A 147 -10.71 42.21 16.20
C ALA A 147 -10.22 43.16 17.29
N THR A 148 -11.12 43.89 17.95
CA THR A 148 -10.77 44.98 18.86
C THR A 148 -10.79 44.59 20.33
N LYS A 149 -11.65 43.64 20.73
CA LYS A 149 -11.72 43.20 22.11
C LYS A 149 -11.28 41.75 22.28
N HIS A 150 -11.83 40.82 21.50
CA HIS A 150 -11.62 39.41 21.81
C HIS A 150 -10.20 38.95 21.48
N VAL A 151 -9.68 39.32 20.30
CA VAL A 151 -8.32 38.88 19.96
C VAL A 151 -7.28 39.41 20.92
N PRO A 152 -7.23 40.70 21.27
CA PRO A 152 -6.28 41.14 22.31
C PRO A 152 -6.53 40.46 23.65
N THR A 153 -7.79 40.30 24.05
CA THR A 153 -8.06 39.58 25.29
C THR A 153 -7.50 38.17 25.23
N LEU A 154 -7.71 37.46 24.12
CA LEU A 154 -7.31 36.06 24.08
C LEU A 154 -5.82 35.93 23.91
N ASN A 155 -5.21 36.75 23.05
CA ASN A 155 -3.77 36.75 22.87
C ASN A 155 -3.07 37.04 24.19
N LYS A 156 -3.63 37.94 25.00
CA LYS A 156 -2.98 38.32 26.26
C LYS A 156 -2.84 37.13 27.18
N GLN A 157 -3.73 36.13 27.07
CA GLN A 157 -3.64 34.90 27.85
C GLN A 157 -2.97 33.77 27.08
N GLY A 158 -2.28 34.06 25.97
CA GLY A 158 -1.64 32.98 25.22
C GLY A 158 -2.54 32.21 24.25
N THR A 159 -3.84 32.53 24.19
CA THR A 159 -4.79 31.87 23.28
C THR A 159 -4.73 32.48 21.89
N ARG A 160 -4.54 31.63 20.88
CA ARG A 160 -4.60 32.07 19.48
C ARG A 160 -6.01 31.93 18.95
N VAL A 161 -6.36 32.85 18.04
CA VAL A 161 -7.67 32.90 17.40
C VAL A 161 -7.46 32.57 15.92
N ILE A 162 -8.08 31.48 15.49
CA ILE A 162 -7.86 30.88 14.17
C ILE A 162 -9.16 31.02 13.37
N ARG A 163 -9.04 31.48 12.13
CA ARG A 163 -10.17 31.58 11.22
C ARG A 163 -10.38 30.25 10.53
N THR A 164 -11.58 29.68 10.64
CA THR A 164 -11.90 28.47 9.90
C THR A 164 -12.61 28.81 8.60
N ILE A 165 -12.22 28.16 7.51
CA ILE A 165 -12.91 28.34 6.22
C ILE A 165 -13.11 26.98 5.58
N PRO A 166 -14.24 26.77 4.92
CA PRO A 166 -14.42 25.54 4.13
C PRO A 166 -13.40 25.40 3.00
N TRP A 167 -13.05 24.15 2.74
CA TRP A 167 -12.35 23.69 1.55
C TRP A 167 -12.75 24.45 0.27
N ARG A 168 -14.07 24.58 0.06
CA ARG A 168 -14.67 25.32 -1.07
C ARG A 168 -13.97 26.64 -1.38
N PHE A 169 -13.54 27.33 -0.32
CA PHE A 169 -13.03 28.69 -0.52
C PHE A 169 -11.75 28.70 -1.33
N LEU A 170 -11.07 27.56 -1.42
CA LEU A 170 -9.85 27.45 -2.23
C LEU A 170 -10.15 27.03 -3.66
N ALA A 171 -11.40 26.73 -3.99
CA ALA A 171 -11.73 26.17 -5.30
C ALA A 171 -12.50 27.13 -6.19
N GLY A 172 -13.33 27.98 -5.62
CA GLY A 172 -14.32 28.68 -6.41
C GLY A 172 -15.57 27.83 -6.50
N GLY A 173 -16.52 28.30 -7.33
CA GLY A 173 -17.73 27.55 -7.52
C GLY A 173 -18.81 27.94 -6.52
N ASP A 174 -19.61 26.97 -6.07
CA ASP A 174 -20.73 27.29 -5.20
C ASP A 174 -20.23 27.77 -3.84
N HIS A 175 -20.86 28.82 -3.31
CA HIS A 175 -20.63 29.34 -1.97
C HIS A 175 -19.14 29.32 -1.58
N SER A 176 -18.34 30.00 -2.38
CA SER A 176 -16.90 29.82 -2.33
C SER A 176 -16.20 31.04 -1.74
N GLY A 177 -16.92 31.92 -1.06
CA GLY A 177 -16.31 33.06 -0.40
C GLY A 177 -15.66 34.02 -1.39
N ILE A 178 -14.45 34.46 -1.07
CA ILE A 178 -13.66 35.35 -1.92
C ILE A 178 -13.58 34.80 -3.32
N ALA A 179 -13.33 33.49 -3.44
CA ALA A 179 -13.14 32.88 -4.75
C ALA A 179 -14.38 32.89 -5.62
N GLU A 180 -15.52 33.38 -5.12
CA GLU A 180 -16.68 33.48 -6.00
C GLU A 180 -16.44 34.44 -7.18
N ASP A 181 -15.54 35.40 -7.01
CA ASP A 181 -15.20 36.38 -8.05
C ASP A 181 -14.18 35.75 -9.01
N ALA A 182 -14.66 34.80 -9.81
CA ALA A 182 -13.81 34.15 -10.82
C ALA A 182 -13.20 35.13 -11.82
N GLN A 183 -13.83 36.31 -12.05
CA GLN A 183 -13.23 37.23 -13.03
C GLN A 183 -12.03 37.94 -12.44
N LYS A 184 -12.08 38.24 -11.13
CA LYS A 184 -10.94 38.84 -10.45
C LYS A 184 -9.84 37.79 -10.16
N TYR A 185 -10.22 36.56 -9.74
CA TYR A 185 -9.26 35.47 -9.48
C TYR A 185 -9.53 34.32 -10.45
N PRO A 186 -9.09 34.42 -11.70
CA PRO A 186 -9.30 33.30 -12.64
C PRO A 186 -8.46 32.10 -12.22
N ASN A 187 -8.86 30.94 -12.74
CA ASN A 187 -8.13 29.71 -12.47
C ASN A 187 -6.99 29.62 -13.49
N THR A 188 -5.94 30.37 -13.19
CA THR A 188 -4.70 30.37 -13.93
C THR A 188 -3.59 30.38 -12.93
N PRO A 189 -2.36 30.06 -13.32
CA PRO A 189 -1.22 30.18 -12.41
C PRO A 189 -1.17 31.54 -11.71
N GLU A 190 -1.30 32.65 -12.46
CA GLU A 190 -1.26 33.97 -11.81
C GLU A 190 -2.52 34.22 -10.98
N GLY A 191 -3.67 33.74 -11.44
CA GLY A 191 -4.90 33.99 -10.70
C GLY A 191 -4.98 33.22 -9.40
N ASN A 192 -4.41 32.01 -9.39
CA ASN A 192 -4.40 31.20 -8.19
C ASN A 192 -3.44 31.74 -7.14
N LYS A 193 -2.34 32.37 -7.59
CA LYS A 193 -1.47 33.05 -6.65
C LYS A 193 -2.15 34.29 -6.11
N ALA A 194 -2.88 35.01 -6.93
CA ALA A 194 -3.59 36.18 -6.43
C ALA A 194 -4.70 35.78 -5.43
N LEU A 195 -5.37 34.66 -5.69
CA LEU A 195 -6.46 34.24 -4.80
C LEU A 195 -5.91 33.83 -3.44
N ALA A 196 -4.79 33.11 -3.42
CA ALA A 196 -4.20 32.71 -2.14
C ALA A 196 -3.89 33.92 -1.29
N LYS A 197 -3.30 34.96 -1.90
CA LYS A 197 -3.00 36.20 -1.18
C LYS A 197 -4.27 36.91 -0.73
N ALA A 198 -5.31 36.92 -1.56
CA ALA A 198 -6.54 37.58 -1.14
C ALA A 198 -7.16 36.82 0.03
N ILE A 199 -7.05 35.50 0.01
CA ILE A 199 -7.58 34.67 1.09
C ILE A 199 -6.90 35.02 2.42
N VAL A 200 -5.55 35.07 2.45
CA VAL A 200 -4.90 35.41 3.74
C VAL A 200 -5.20 36.85 4.12
N ASP A 201 -5.31 37.75 3.14
CA ASP A 201 -5.59 39.15 3.47
C ASP A 201 -6.94 39.30 4.14
N GLU A 202 -7.92 38.56 3.65
CA GLU A 202 -9.31 38.74 4.04
C GLU A 202 -9.66 37.92 5.27
N TYR A 203 -9.22 36.67 5.31
CA TYR A 203 -9.65 35.81 6.38
C TYR A 203 -8.68 35.80 7.56
N VAL A 204 -7.41 36.20 7.38
CA VAL A 204 -6.44 36.27 8.47
C VAL A 204 -6.08 37.71 8.84
N TYR A 205 -5.47 38.44 7.89
CA TYR A 205 -4.89 39.72 8.27
C TYR A 205 -5.93 40.80 8.55
N LYS A 206 -7.18 40.62 8.10
CA LYS A 206 -8.14 41.71 8.20
C LYS A 206 -8.46 42.03 9.66
N TYR A 207 -8.68 41.00 10.47
CA TYR A 207 -8.88 41.16 11.90
C TYR A 207 -7.65 40.76 12.70
N ASN A 208 -6.50 40.67 12.03
CA ASN A 208 -5.21 40.38 12.67
C ASN A 208 -5.27 39.11 13.50
N LEU A 209 -5.84 38.05 12.92
CA LEU A 209 -5.97 36.74 13.54
C LEU A 209 -4.65 35.97 13.47
N ASP A 210 -4.62 34.83 14.15
CA ASP A 210 -3.35 34.12 14.30
C ASP A 210 -3.14 33.01 13.28
N GLY A 211 -4.09 32.78 12.38
CA GLY A 211 -3.87 31.76 11.39
C GLY A 211 -5.16 31.31 10.73
N LEU A 212 -5.02 30.29 9.90
CA LEU A 212 -6.09 29.89 8.98
C LEU A 212 -6.25 28.40 9.04
N ASP A 213 -7.48 27.95 9.17
CA ASP A 213 -7.78 26.54 9.32
C ASP A 213 -8.73 26.15 8.20
N VAL A 214 -8.29 25.24 7.33
CA VAL A 214 -9.09 24.83 6.17
C VAL A 214 -9.72 23.50 6.48
N MET A 215 -11.04 23.49 6.55
CA MET A 215 -11.82 22.32 6.90
C MET A 215 -12.11 21.49 5.65
N ILE A 216 -11.61 20.27 5.66
CA ILE A 216 -11.64 19.34 4.53
C ILE A 216 -12.54 18.18 4.92
N GLU A 217 -13.73 18.15 4.33
CA GLU A 217 -14.77 17.18 4.62
C GLU A 217 -15.89 17.28 3.57
N ARG A 218 -16.76 16.26 3.59
CA ARG A 218 -17.83 16.16 2.61
C ARG A 218 -18.68 17.42 2.55
N ASP A 219 -18.97 18.02 3.70
CA ASP A 219 -19.85 19.19 3.75
C ASP A 219 -19.21 20.47 3.22
N SER A 220 -17.90 20.45 2.90
CA SER A 220 -17.21 21.67 2.46
C SER A 220 -16.57 21.52 1.08
N ILE A 221 -16.83 20.41 0.40
CA ILE A 221 -16.19 20.00 -0.83
C ILE A 221 -16.51 20.99 -1.96
N PRO A 222 -15.58 21.22 -2.87
CA PRO A 222 -15.88 22.13 -4.01
C PRO A 222 -17.06 21.62 -4.82
N LYS A 223 -18.01 22.51 -5.06
CA LYS A 223 -19.19 22.18 -5.85
C LYS A 223 -19.48 23.28 -6.89
N VAL A 224 -20.00 22.86 -8.05
CA VAL A 224 -20.56 23.76 -9.07
C VAL A 224 -21.99 23.34 -9.33
N ASN A 225 -22.95 24.22 -9.02
CA ASN A 225 -24.36 23.94 -9.24
C ASN A 225 -24.80 22.70 -8.47
N LYS A 226 -24.35 22.60 -7.22
CA LYS A 226 -24.73 21.61 -6.24
C LYS A 226 -24.03 20.28 -6.49
N GLU A 227 -23.23 20.14 -7.55
CA GLU A 227 -22.57 18.88 -7.82
C GLU A 227 -21.08 18.95 -7.52
N GLU A 228 -20.58 17.91 -6.88
CA GLU A 228 -19.18 17.83 -6.50
C GLU A 228 -18.27 18.07 -7.72
N SER A 229 -17.27 18.93 -7.55
CA SER A 229 -16.41 19.45 -8.61
C SER A 229 -15.01 18.86 -8.50
N LYS A 230 -14.72 17.86 -9.32
CA LYS A 230 -13.37 17.31 -9.42
C LYS A 230 -12.38 18.37 -9.89
N GLU A 231 -12.81 19.23 -10.81
CA GLU A 231 -11.95 20.33 -11.23
C GLU A 231 -11.66 21.24 -10.05
N GLY A 232 -12.69 21.61 -9.29
CA GLY A 232 -12.48 22.48 -8.15
C GLY A 232 -11.54 21.87 -7.12
N ILE A 233 -11.64 20.55 -6.92
CA ILE A 233 -10.69 19.88 -6.03
C ILE A 233 -9.26 20.04 -6.56
N GLU A 234 -9.05 19.72 -7.84
CA GLU A 234 -7.74 19.92 -8.45
C GLU A 234 -7.24 21.35 -8.25
N ARG A 235 -8.10 22.34 -8.49
CA ARG A 235 -7.70 23.73 -8.23
C ARG A 235 -7.34 23.98 -6.77
N SER A 236 -8.10 23.41 -5.80
CA SER A 236 -7.87 23.73 -4.40
C SER A 236 -6.47 23.32 -3.95
N ILE A 237 -5.97 22.21 -4.48
CA ILE A 237 -4.58 21.79 -4.25
C ILE A 237 -3.59 22.90 -4.63
N GLN A 238 -3.75 23.47 -5.84
CA GLN A 238 -2.88 24.58 -6.26
C GLN A 238 -2.97 25.77 -5.31
N VAL A 239 -4.19 26.16 -4.94
CA VAL A 239 -4.34 27.31 -4.06
C VAL A 239 -3.86 26.99 -2.63
N PHE A 240 -3.99 25.74 -2.17
CA PHE A 240 -3.48 25.38 -0.83
C PHE A 240 -1.97 25.59 -0.75
N GLU A 241 -1.21 25.01 -1.70
CA GLU A 241 0.23 25.30 -1.82
C GLU A 241 0.53 26.78 -1.78
N GLU A 242 -0.18 27.56 -2.59
CA GLU A 242 0.12 28.99 -2.70
C GLU A 242 -0.13 29.69 -1.38
N ILE A 243 -1.17 29.28 -0.64
CA ILE A 243 -1.35 29.83 0.71
C ILE A 243 -0.18 29.43 1.60
N GLY A 244 0.29 28.18 1.45
CA GLY A 244 1.44 27.74 2.20
C GLY A 244 2.70 28.55 1.94
N LYS A 245 2.78 29.24 0.80
CA LYS A 245 3.94 30.09 0.62
C LYS A 245 3.81 31.40 1.36
N LEU A 246 2.63 31.72 1.88
CA LEU A 246 2.39 32.99 2.57
C LEU A 246 2.42 32.87 4.07
N ILE A 247 1.95 31.74 4.63
CA ILE A 247 1.82 31.53 6.08
C ILE A 247 2.22 30.10 6.42
N GLY A 248 2.36 29.83 7.70
CA GLY A 248 2.73 28.50 8.13
C GLY A 248 4.22 28.26 8.06
N PRO A 249 4.66 27.04 8.40
CA PRO A 249 6.11 26.78 8.58
C PRO A 249 6.96 27.06 7.34
N LYS A 250 6.40 27.01 6.14
CA LYS A 250 7.15 27.35 4.93
C LYS A 250 6.76 28.69 4.36
N GLY A 251 5.87 29.42 5.01
CA GLY A 251 5.36 30.65 4.44
C GLY A 251 6.26 31.84 4.67
N ALA A 252 5.96 32.91 3.93
CA ALA A 252 6.67 34.17 4.10
C ALA A 252 6.41 34.75 5.48
N ASP A 253 5.23 34.52 6.05
CA ASP A 253 4.92 34.99 7.41
C ASP A 253 4.71 33.80 8.36
N LYS A 254 5.79 33.36 8.99
CA LYS A 254 5.75 32.23 9.89
C LYS A 254 5.05 32.51 11.21
N SER A 255 4.58 33.73 11.47
CA SER A 255 3.83 34.04 12.68
C SER A 255 2.36 33.68 12.60
N ARG A 256 1.86 33.20 11.46
CA ARG A 256 0.47 32.82 11.32
C ARG A 256 0.41 31.31 11.11
N LEU A 257 -0.46 30.65 11.86
CA LEU A 257 -0.59 29.21 11.68
C LEU A 257 -1.37 28.88 10.40
N PHE A 258 -1.03 27.75 9.79
CA PHE A 258 -1.75 27.20 8.64
C PHE A 258 -2.20 25.79 9.02
N ILE A 259 -3.50 25.60 9.23
CA ILE A 259 -4.02 24.37 9.82
C ILE A 259 -4.97 23.70 8.84
N MET A 260 -4.90 22.38 8.78
CA MET A 260 -5.81 21.51 8.06
C MET A 260 -6.64 20.71 9.03
N ASP A 261 -7.96 20.74 8.89
CA ASP A 261 -8.78 19.84 9.69
C ASP A 261 -9.61 18.99 8.75
N SER A 262 -9.71 17.70 9.05
CA SER A 262 -10.34 16.84 8.06
C SER A 262 -11.05 15.68 8.76
N THR A 263 -12.13 15.22 8.12
CA THR A 263 -12.80 13.97 8.47
C THR A 263 -12.22 12.76 7.76
N TYR A 264 -11.33 12.97 6.80
CA TYR A 264 -10.93 11.91 5.87
C TYR A 264 -9.73 11.15 6.39
N MET A 265 -9.70 9.84 6.14
CA MET A 265 -8.45 9.09 6.20
C MET A 265 -7.48 9.66 5.17
N ALA A 266 -6.17 9.53 5.43
CA ALA A 266 -5.19 10.26 4.63
C ALA A 266 -5.26 9.87 3.16
N ASP A 267 -5.43 8.57 2.89
CA ASP A 267 -5.59 8.09 1.52
C ASP A 267 -6.83 8.65 0.85
N LYS A 268 -7.78 9.17 1.62
CA LYS A 268 -8.97 9.79 1.05
C LYS A 268 -8.92 11.31 1.10
N ASN A 269 -7.86 11.89 1.64
CA ASN A 269 -7.73 13.33 1.76
C ASN A 269 -7.02 13.85 0.50
N PRO A 270 -7.70 14.58 -0.39
CA PRO A 270 -7.07 14.92 -1.67
C PRO A 270 -5.96 15.96 -1.55
N LEU A 271 -5.86 16.65 -0.40
CA LEU A 271 -4.93 17.75 -0.20
C LEU A 271 -3.74 17.43 0.71
N ILE A 272 -3.71 16.27 1.40
CA ILE A 272 -2.63 16.05 2.37
C ILE A 272 -1.29 15.89 1.66
N GLU A 273 -1.27 15.19 0.52
CA GLU A 273 -0.01 14.79 -0.09
C GLU A 273 0.80 15.99 -0.55
N ARG A 274 0.13 17.00 -1.08
CA ARG A 274 0.78 18.23 -1.45
C ARG A 274 0.80 19.23 -0.31
N GLY A 275 -0.24 19.23 0.54
CA GLY A 275 -0.34 20.22 1.59
C GLY A 275 0.47 19.94 2.85
N ALA A 276 0.80 18.68 3.14
CA ALA A 276 1.43 18.37 4.44
C ALA A 276 2.65 19.22 4.77
N PRO A 277 3.60 19.46 3.88
CA PRO A 277 4.77 20.24 4.29
C PRO A 277 4.41 21.66 4.69
N TYR A 278 3.23 22.14 4.32
CA TYR A 278 2.87 23.54 4.52
C TYR A 278 2.13 23.83 5.82
N ILE A 279 1.71 22.83 6.59
CA ILE A 279 0.83 23.08 7.72
C ILE A 279 1.58 22.92 9.03
N ASP A 280 1.13 23.67 10.03
CA ASP A 280 1.62 23.53 11.38
C ASP A 280 0.94 22.38 12.10
N LEU A 281 -0.34 22.13 11.81
CA LEU A 281 -1.11 21.14 12.58
C LEU A 281 -2.16 20.51 11.70
N LEU A 282 -2.47 19.24 12.00
CA LEU A 282 -3.51 18.50 11.29
C LEU A 282 -4.50 18.04 12.33
N LEU A 283 -5.76 18.38 12.11
CA LEU A 283 -6.83 18.08 13.06
C LEU A 283 -7.72 17.04 12.41
N VAL A 284 -8.03 15.96 13.12
CA VAL A 284 -8.94 14.94 12.63
C VAL A 284 -10.23 15.00 13.45
N GLN A 285 -11.35 15.12 12.75
CA GLN A 285 -12.69 15.13 13.34
C GLN A 285 -13.13 13.69 13.50
N VAL A 286 -13.12 13.20 14.73
CA VAL A 286 -13.40 11.79 14.98
C VAL A 286 -14.54 11.70 15.99
N TYR A 287 -15.60 12.52 15.80
CA TYR A 287 -16.72 12.52 16.73
C TYR A 287 -17.36 11.13 16.82
N GLY A 288 -17.84 10.79 18.02
CA GLY A 288 -18.71 9.65 18.20
C GLY A 288 -17.99 8.32 18.21
N THR A 289 -18.78 7.27 18.52
CA THR A 289 -18.22 5.92 18.62
C THR A 289 -17.61 5.45 17.33
N GLN A 290 -18.05 5.99 16.18
CA GLN A 290 -17.46 5.54 14.92
C GLN A 290 -16.10 6.18 14.67
N GLY A 291 -15.92 7.45 15.04
CA GLY A 291 -14.56 7.99 15.07
C GLY A 291 -13.63 7.22 16.00
N GLU A 292 -14.11 6.82 17.19
CA GLU A 292 -13.24 6.21 18.20
C GLU A 292 -12.82 4.80 17.82
N LYS A 293 -13.81 3.93 17.59
CA LYS A 293 -13.58 2.53 17.31
C LYS A 293 -13.29 2.24 15.85
N GLY A 294 -13.44 3.25 14.99
CA GLY A 294 -13.52 2.98 13.58
C GLY A 294 -14.95 2.66 13.22
N GLY A 295 -15.21 2.65 11.90
CA GLY A 295 -16.41 2.02 11.41
C GLY A 295 -16.33 0.51 11.47
N PHE A 296 -17.44 -0.14 11.17
CA PHE A 296 -17.52 -1.60 11.24
C PHE A 296 -17.75 -2.18 9.85
N ASP A 297 -16.91 -3.14 9.48
CA ASP A 297 -17.02 -3.83 8.21
C ASP A 297 -17.88 -5.06 8.47
N ASN A 298 -19.15 -5.01 8.03
CA ASN A 298 -20.09 -6.07 8.40
C ASN A 298 -19.81 -7.39 7.69
N ALA A 299 -19.07 -7.35 6.59
CA ALA A 299 -18.78 -8.58 5.87
C ALA A 299 -17.72 -9.40 6.60
N ASN A 300 -16.73 -8.75 7.20
CA ASN A 300 -15.68 -9.44 7.95
C ASN A 300 -15.78 -9.25 9.46
N HIS A 301 -16.73 -8.43 9.92
CA HIS A 301 -16.98 -8.24 11.35
C HIS A 301 -15.73 -7.70 12.06
N LYS A 302 -15.07 -6.77 11.40
CA LYS A 302 -13.82 -6.18 11.86
C LYS A 302 -13.96 -4.66 11.80
N ALA A 303 -13.30 -3.97 12.72
CA ALA A 303 -13.31 -2.51 12.66
C ALA A 303 -12.46 -2.02 11.50
N VAL A 304 -12.86 -0.90 10.92
CA VAL A 304 -12.09 -0.26 9.88
C VAL A 304 -11.99 1.21 10.20
N ASP A 305 -10.91 1.84 9.75
CA ASP A 305 -10.63 3.25 10.02
C ASP A 305 -10.58 3.51 11.53
N THR A 306 -9.92 2.61 12.25
CA THR A 306 -9.72 2.80 13.68
C THR A 306 -8.87 4.05 13.94
N MET A 307 -8.87 4.51 15.19
CA MET A 307 -8.05 5.66 15.55
C MET A 307 -6.58 5.44 15.23
N GLU A 308 -6.07 4.21 15.43
CA GLU A 308 -4.66 3.95 15.16
C GLU A 308 -4.39 3.90 13.66
N GLU A 309 -5.31 3.32 12.90
CA GLU A 309 -5.16 3.32 11.44
C GLU A 309 -5.19 4.74 10.88
N ARG A 310 -6.08 5.59 11.40
CA ARG A 310 -6.17 6.97 10.91
C ARG A 310 -4.84 7.70 11.11
N TRP A 311 -4.24 7.53 12.30
CA TRP A 311 -2.97 8.18 12.60
C TRP A 311 -1.86 7.63 11.74
N GLU A 312 -1.81 6.30 11.58
CA GLU A 312 -0.80 5.69 10.71
C GLU A 312 -0.92 6.20 9.27
N SER A 313 -2.14 6.44 8.81
CA SER A 313 -2.29 6.95 7.45
C SER A 313 -1.71 8.36 7.33
N TYR A 314 -1.82 9.18 8.37
CA TYR A 314 -1.21 10.50 8.27
C TYR A 314 0.24 10.52 8.73
N SER A 315 0.71 9.48 9.45
CA SER A 315 2.09 9.47 9.91
C SER A 315 3.07 9.50 8.74
N LYS A 316 2.60 9.07 7.57
CA LYS A 316 3.38 9.23 6.34
C LYS A 316 3.70 10.69 6.04
N TYR A 317 2.87 11.62 6.54
CA TYR A 317 2.87 13.00 6.07
C TYR A 317 3.24 14.03 7.12
N ILE A 318 2.91 13.79 8.41
CA ILE A 318 3.16 14.76 9.47
C ILE A 318 3.79 14.04 10.65
N ARG A 319 4.29 14.84 11.60
CA ARG A 319 4.83 14.38 12.87
C ARG A 319 3.72 14.19 13.91
N PRO A 320 3.85 13.14 14.70
CA PRO A 320 2.90 12.89 15.81
C PRO A 320 2.53 14.15 16.58
N GLU A 321 3.50 14.99 16.97
CA GLU A 321 3.11 16.19 17.70
C GLU A 321 2.35 17.23 16.83
N GLN A 322 2.20 17.01 15.54
CA GLN A 322 1.33 17.89 14.76
C GLN A 322 -0.13 17.44 14.77
N TYR A 323 -0.42 16.26 15.26
CA TYR A 323 -1.72 15.61 15.12
C TYR A 323 -2.64 15.93 16.30
N MET A 324 -3.83 16.46 16.02
CA MET A 324 -4.82 16.70 17.07
C MET A 324 -6.14 16.00 16.74
N VAL A 325 -6.82 15.44 17.76
CA VAL A 325 -8.03 14.64 17.55
C VAL A 325 -9.23 15.36 18.17
N GLY A 326 -10.37 15.33 17.48
CA GLY A 326 -11.51 16.16 17.85
C GLY A 326 -12.73 15.38 18.29
N PHE A 327 -13.42 15.90 19.31
CA PHE A 327 -14.73 15.41 19.72
C PHE A 327 -15.73 16.57 19.62
N SER A 328 -17.00 16.29 19.87
CA SER A 328 -18.04 17.31 19.76
C SER A 328 -18.85 17.42 21.05
N PHE A 329 -19.09 18.65 21.49
CA PHE A 329 -20.12 18.86 22.48
C PHE A 329 -21.50 18.65 21.83
N TYR A 330 -22.57 18.83 22.60
CA TYR A 330 -23.93 18.64 22.13
C TYR A 330 -24.50 19.96 21.63
N GLU A 331 -24.78 20.01 20.33
CA GLU A 331 -25.42 21.18 19.75
C GLU A 331 -26.91 21.13 19.99
N GLU A 332 -27.47 22.28 20.38
CA GLU A 332 -28.92 22.39 20.58
C GLU A 332 -29.66 21.88 19.36
N LYS A 333 -30.73 21.13 19.63
CA LYS A 333 -31.66 20.59 18.62
C LYS A 333 -30.94 19.82 17.53
N ALA A 334 -29.84 19.15 17.89
CA ALA A 334 -29.13 18.31 16.94
C ALA A 334 -30.05 17.25 16.35
N ASN A 335 -30.00 17.09 15.04
CA ASN A 335 -30.77 16.04 14.42
C ASN A 335 -30.04 14.71 14.52
N SER A 336 -30.72 13.65 14.08
CA SER A 336 -30.04 12.38 13.85
C SER A 336 -28.84 12.61 12.95
N GLY A 337 -27.86 11.73 13.03
CA GLY A 337 -26.60 11.97 12.34
C GLY A 337 -25.76 13.09 12.91
N ASN A 338 -26.27 13.85 13.90
CA ASN A 338 -25.47 14.81 14.64
C ASN A 338 -25.47 14.49 16.13
N LEU A 339 -25.54 13.22 16.50
CA LEU A 339 -25.65 12.78 17.89
C LEU A 339 -24.45 11.91 18.25
N TRP A 340 -23.40 12.52 18.79
CA TRP A 340 -22.13 11.82 18.98
C TRP A 340 -21.96 11.21 20.36
N TYR A 341 -22.60 11.78 21.40
CA TYR A 341 -22.46 11.23 22.75
C TYR A 341 -21.02 11.32 23.22
N ASP A 342 -20.36 12.43 22.93
CA ASP A 342 -18.96 12.50 23.27
C ASP A 342 -18.75 12.98 24.69
N VAL A 343 -19.77 13.58 25.29
CA VAL A 343 -19.79 14.02 26.68
C VAL A 343 -20.86 13.26 27.45
N ASN A 344 -20.96 13.47 28.77
CA ASN A 344 -21.84 12.65 29.59
C ASN A 344 -23.31 12.85 29.20
N VAL A 345 -24.06 11.76 29.17
CA VAL A 345 -25.50 11.83 29.00
C VAL A 345 -26.16 12.37 30.28
N GLU A 346 -27.23 13.14 30.11
CA GLU A 346 -27.91 13.78 31.22
C GLU A 346 -28.41 12.78 32.27
N ASP A 347 -28.51 13.26 33.51
CA ASP A 347 -29.10 12.52 34.63
C ASP A 347 -29.77 13.53 35.53
N ASP A 348 -31.10 13.42 35.64
CA ASP A 348 -31.87 14.26 36.56
C ASP A 348 -31.25 14.32 37.97
N THR A 349 -30.68 13.22 38.43
CA THR A 349 -30.25 13.20 39.83
C THR A 349 -28.86 13.82 40.03
N ASN A 350 -28.22 14.29 38.97
CA ASN A 350 -26.96 15.02 39.07
C ASN A 350 -26.97 16.08 37.96
N PRO A 351 -27.49 17.27 38.25
CA PRO A 351 -27.64 18.29 37.20
C PRO A 351 -26.33 18.82 36.68
N ASN A 352 -25.20 18.38 37.23
CA ASN A 352 -23.91 18.92 36.84
C ASN A 352 -23.08 17.90 36.08
N ILE A 353 -23.66 16.74 35.78
CA ILE A 353 -22.85 15.68 35.21
C ILE A 353 -22.35 16.04 33.81
N GLY A 354 -22.97 17.04 33.14
CA GLY A 354 -22.50 17.47 31.83
C GLY A 354 -21.09 18.03 31.88
N SER A 355 -20.72 18.60 33.04
CA SER A 355 -19.42 19.19 33.28
C SER A 355 -18.38 18.21 33.85
N GLU A 356 -18.77 16.98 34.15
CA GLU A 356 -17.82 15.93 34.53
C GLU A 356 -17.28 15.24 33.29
N ILE A 357 -15.99 14.94 33.31
CA ILE A 357 -15.35 14.34 32.13
C ILE A 357 -14.92 12.89 32.33
N LYS A 358 -14.95 12.38 33.56
CA LYS A 358 -14.28 11.10 33.81
C LYS A 358 -14.97 9.96 33.07
N GLY A 359 -14.20 9.24 32.24
CA GLY A 359 -14.77 8.19 31.43
C GLY A 359 -15.48 8.61 30.14
N THR A 360 -15.68 9.91 29.86
CA THR A 360 -16.24 10.34 28.56
C THR A 360 -15.30 10.03 27.39
N ARG A 361 -15.88 9.95 26.18
CA ARG A 361 -15.03 9.83 24.99
C ARG A 361 -14.04 11.00 24.91
N ALA A 362 -14.48 12.21 25.28
CA ALA A 362 -13.57 13.35 25.27
C ALA A 362 -12.37 13.12 26.21
N GLU A 363 -12.62 12.55 27.40
CA GLU A 363 -11.50 12.23 28.26
C GLU A 363 -10.64 11.15 27.66
N ARG A 364 -11.26 10.15 27.02
CA ARG A 364 -10.44 9.14 26.36
C ARG A 364 -9.58 9.70 25.26
N TYR A 365 -10.08 10.70 24.51
CA TYR A 365 -9.23 11.33 23.50
C TYR A 365 -8.10 12.12 24.18
N ALA A 366 -8.41 12.82 25.26
CA ALA A 366 -7.34 13.53 25.98
C ALA A 366 -6.22 12.56 26.36
N LYS A 367 -6.58 11.34 26.73
CA LYS A 367 -5.62 10.34 27.17
C LYS A 367 -4.99 9.55 26.04
N TRP A 368 -5.60 9.54 24.86
CA TRP A 368 -5.15 8.65 23.80
C TRP A 368 -3.80 9.06 23.23
N GLN A 369 -2.98 8.06 22.92
CA GLN A 369 -1.68 8.25 22.30
C GLN A 369 -1.46 7.13 21.28
N PRO A 370 -0.93 7.46 20.10
CA PRO A 370 -0.50 6.41 19.17
C PRO A 370 0.51 5.47 19.82
N LYS A 371 0.57 4.26 19.28
CA LYS A 371 1.46 3.24 19.82
C LYS A 371 2.89 3.40 19.33
N THR A 372 3.09 4.12 18.23
CA THR A 372 4.39 4.35 17.63
C THR A 372 4.51 5.78 17.12
N GLY A 373 5.75 6.22 16.94
CA GLY A 373 6.04 7.58 16.53
C GLY A 373 6.32 8.52 17.68
N GLY A 374 5.30 8.90 18.44
CA GLY A 374 5.50 9.92 19.44
C GLY A 374 4.17 10.24 20.08
N VAL A 375 4.17 11.22 20.97
CA VAL A 375 2.95 11.65 21.62
C VAL A 375 2.25 12.68 20.74
N LYS A 376 0.94 12.79 20.89
CA LYS A 376 0.21 13.62 19.93
C LYS A 376 0.29 15.10 20.33
N GLY A 377 -0.15 15.95 19.42
CA GLY A 377 -0.14 17.39 19.69
C GLY A 377 -1.20 17.83 20.69
N GLY A 378 -2.36 17.13 20.74
CA GLY A 378 -3.44 17.50 21.66
C GLY A 378 -4.79 17.07 21.11
N ILE A 379 -5.85 17.75 21.57
CA ILE A 379 -7.23 17.47 21.19
C ILE A 379 -7.98 18.79 21.02
N PHE A 380 -9.21 18.69 20.54
CA PHE A 380 -10.05 19.87 20.32
C PHE A 380 -11.54 19.50 20.37
N SER A 381 -12.38 20.47 20.67
CA SER A 381 -13.82 20.29 20.70
C SER A 381 -14.50 21.06 19.56
N TYR A 382 -15.61 20.51 19.08
CA TYR A 382 -16.50 21.29 18.20
C TYR A 382 -17.65 21.80 19.07
N GLY A 383 -17.97 23.09 18.92
CA GLY A 383 -19.09 23.70 19.59
C GLY A 383 -18.82 23.98 21.07
N ILE A 384 -17.65 24.59 21.34
CA ILE A 384 -17.17 24.81 22.69
C ILE A 384 -18.05 25.79 23.46
N ASP A 385 -18.85 26.59 22.75
CA ASP A 385 -19.86 27.42 23.42
C ASP A 385 -20.91 26.58 24.14
N ARG A 386 -21.00 25.29 23.83
CA ARG A 386 -21.88 24.35 24.53
C ARG A 386 -21.17 23.55 25.63
N ASP A 387 -19.92 23.90 25.95
CA ASP A 387 -19.16 23.22 26.99
C ASP A 387 -20.00 23.12 28.27
N GLY A 388 -20.31 21.90 28.68
CA GLY A 388 -20.98 21.69 29.95
C GLY A 388 -22.40 21.21 29.85
N VAL A 389 -23.06 21.43 28.71
CA VAL A 389 -24.41 20.91 28.51
C VAL A 389 -24.33 19.40 28.44
N ALA A 390 -25.24 18.72 29.11
CA ALA A 390 -25.26 17.28 29.05
C ALA A 390 -25.93 16.81 27.77
N HIS A 391 -25.73 15.58 27.49
CA HIS A 391 -26.22 15.05 26.23
C HIS A 391 -27.57 14.39 26.43
N PRO A 392 -28.57 14.68 25.60
CA PRO A 392 -29.85 13.97 25.70
C PRO A 392 -29.63 12.47 25.58
N LYS A 393 -30.50 11.72 26.26
CA LYS A 393 -30.44 10.27 26.26
C LYS A 393 -30.79 9.71 24.88
N LYS A 394 -30.21 8.56 24.55
CA LYS A 394 -30.35 8.05 23.18
C LYS A 394 -31.80 7.71 22.89
N ASN A 395 -32.42 6.88 23.73
CA ASN A 395 -33.81 6.51 23.53
C ASN A 395 -34.61 6.67 24.82
N GLY A 396 -34.45 7.85 25.43
CA GLY A 396 -35.38 8.33 26.44
C GLY A 396 -36.22 9.45 25.86
N PRO A 397 -37.12 10.02 26.66
CA PRO A 397 -38.02 11.05 26.16
C PRO A 397 -37.28 12.34 25.77
N LYS A 398 -38.01 13.18 25.05
CA LYS A 398 -37.63 14.56 24.78
C LYS A 398 -37.19 15.28 26.05
N THR A 399 -35.96 15.80 26.05
CA THR A 399 -35.52 16.68 27.13
C THR A 399 -35.22 18.05 26.55
N PRO A 400 -36.12 19.03 26.72
CA PRO A 400 -35.93 20.33 26.04
C PRO A 400 -35.03 21.27 26.81
N ASP A 401 -34.82 21.03 28.10
CA ASP A 401 -33.90 21.83 28.88
C ASP A 401 -32.52 21.89 28.23
N LEU A 402 -32.03 20.75 27.73
CA LEU A 402 -30.70 20.71 27.16
C LEU A 402 -30.60 21.56 25.89
N ASP A 403 -31.71 21.75 25.19
CA ASP A 403 -31.61 22.55 23.99
C ASP A 403 -31.64 24.05 24.27
N LYS A 404 -31.89 24.46 25.51
CA LYS A 404 -31.81 25.89 25.80
C LYS A 404 -30.35 26.35 25.80
N ILE A 405 -30.14 27.58 25.34
CA ILE A 405 -28.83 28.21 25.32
C ILE A 405 -28.54 28.76 26.70
N VAL A 406 -27.33 28.48 27.20
CA VAL A 406 -26.89 28.96 28.50
C VAL A 406 -25.43 29.39 28.41
N LYS A 407 -25.03 30.29 29.32
CA LYS A 407 -23.66 30.74 29.43
C LYS A 407 -22.78 29.60 29.92
N SER A 408 -21.76 29.23 29.15
CA SER A 408 -20.88 28.16 29.58
C SER A 408 -19.81 28.69 30.53
N ASP A 409 -19.34 27.82 31.41
CA ASP A 409 -18.21 28.10 32.28
C ASP A 409 -16.93 27.43 31.78
N TYR A 410 -17.03 26.66 30.68
CA TYR A 410 -15.87 26.08 30.00
C TYR A 410 -15.14 25.14 30.93
N LYS A 411 -15.93 24.40 31.69
CA LYS A 411 -15.41 23.53 32.73
C LYS A 411 -14.87 22.23 32.15
N VAL A 412 -15.59 21.63 31.21
CA VAL A 412 -15.06 20.47 30.49
C VAL A 412 -13.72 20.82 29.86
N SER A 413 -13.62 22.00 29.22
CA SER A 413 -12.39 22.32 28.51
C SER A 413 -11.23 22.44 29.48
N LYS A 414 -11.44 23.17 30.58
CA LYS A 414 -10.38 23.30 31.57
C LYS A 414 -9.95 21.96 32.12
N ALA A 415 -10.90 21.06 32.37
CA ALA A 415 -10.53 19.78 32.96
C ALA A 415 -9.73 18.93 31.97
N LEU A 416 -10.25 18.75 30.75
CA LEU A 416 -9.53 18.04 29.70
C LEU A 416 -8.10 18.54 29.50
N LYS A 417 -7.90 19.87 29.50
CA LYS A 417 -6.55 20.40 29.43
C LYS A 417 -5.68 19.91 30.60
N LYS A 418 -6.22 19.95 31.84
CA LYS A 418 -5.44 19.46 32.99
C LYS A 418 -5.15 17.97 32.87
N VAL A 419 -6.08 17.19 32.27
CA VAL A 419 -5.83 15.77 32.09
C VAL A 419 -4.60 15.55 31.21
N MET A 420 -4.49 16.31 30.12
CA MET A 420 -3.34 16.13 29.24
C MET A 420 -2.07 16.67 29.88
N GLU A 421 -2.17 17.79 30.61
CA GLU A 421 -0.96 18.37 31.21
C GLU A 421 -0.36 17.45 32.25
N ASN A 422 -1.20 16.72 32.98
CA ASN A 422 -0.74 15.87 34.07
C ASN A 422 -0.50 14.44 33.67
N ASP A 423 -0.54 14.15 32.37
CA ASP A 423 -0.40 12.78 31.89
C ASP A 423 1.05 12.36 31.83
N LYS A 424 1.30 11.07 32.15
CA LYS A 424 2.65 10.51 32.16
C LYS A 424 3.42 10.79 30.87
N SER A 425 2.77 10.64 29.72
CA SER A 425 3.45 10.84 28.44
C SER A 425 4.14 12.19 28.30
N TYR A 426 3.55 13.24 28.87
CA TYR A 426 4.06 14.57 28.59
C TYR A 426 5.09 15.05 29.61
N GLU A 427 5.43 14.21 30.61
CA GLU A 427 6.55 14.50 31.49
C GLU A 427 7.83 14.67 30.68
N LEU A 428 8.63 15.65 31.08
CA LEU A 428 9.84 15.95 30.35
C LEU A 428 10.93 14.89 30.58
N ILE A 429 11.70 14.63 29.52
CA ILE A 429 12.92 13.85 29.67
C ILE A 429 13.93 14.67 30.48
N ASP A 430 14.50 14.06 31.53
CA ASP A 430 15.44 14.80 32.39
C ASP A 430 16.58 13.90 32.81
N GLN A 431 17.34 14.35 33.81
CA GLN A 431 18.56 13.68 34.25
C GLN A 431 18.28 12.29 34.82
N LYS A 432 17.08 12.06 35.35
CA LYS A 432 16.78 10.72 35.85
C LYS A 432 16.72 9.71 34.71
N ASP A 433 16.23 10.11 33.53
CA ASP A 433 16.21 9.19 32.39
C ASP A 433 17.59 9.00 31.78
N PHE A 434 18.35 10.08 31.63
CA PHE A 434 19.70 9.99 31.07
C PHE A 434 20.63 10.84 31.92
N PRO A 435 21.46 10.21 32.75
CA PRO A 435 22.42 10.99 33.54
C PRO A 435 23.42 11.74 32.68
N ASP A 436 24.02 11.10 31.68
CA ASP A 436 25.07 11.75 30.92
C ASP A 436 24.48 12.94 30.18
N LYS A 437 25.00 14.13 30.50
CA LYS A 437 24.40 15.35 29.98
C LYS A 437 24.38 15.36 28.46
N ALA A 438 25.49 14.95 27.81
CA ALA A 438 25.54 15.01 26.36
C ALA A 438 24.65 13.96 25.70
N LEU A 439 24.41 12.83 26.38
CA LEU A 439 23.50 11.83 25.83
C LEU A 439 22.06 12.31 25.91
N ARG A 440 21.67 12.81 27.09
CA ARG A 440 20.32 13.35 27.28
C ARG A 440 19.98 14.39 26.22
N GLU A 441 20.96 15.18 25.79
CA GLU A 441 20.71 16.21 24.80
C GLU A 441 20.65 15.66 23.39
N ALA A 442 21.27 14.51 23.12
CA ALA A 442 21.08 13.89 21.82
C ALA A 442 19.75 13.15 21.76
N VAL A 443 19.28 12.63 22.89
CA VAL A 443 18.00 11.95 22.86
C VAL A 443 16.89 12.99 22.76
N ILE A 444 16.98 14.06 23.55
CA ILE A 444 15.98 15.12 23.50
C ILE A 444 15.87 15.70 22.09
N ALA A 445 17.00 15.77 21.36
CA ALA A 445 17.01 16.40 20.04
C ALA A 445 16.43 15.52 18.94
N GLN A 446 16.56 14.19 19.07
CA GLN A 446 16.17 13.25 18.03
C GLN A 446 14.88 12.51 18.33
N VAL A 447 14.56 12.32 19.60
CA VAL A 447 13.46 11.48 20.01
C VAL A 447 12.27 12.37 20.37
N GLY A 448 12.57 13.55 20.90
CA GLY A 448 11.59 14.41 21.50
C GLY A 448 11.88 14.65 22.97
N SER A 449 11.20 15.66 23.51
CA SER A 449 11.42 16.10 24.87
C SER A 449 10.58 15.35 25.89
N ARG A 450 9.67 14.49 25.46
CA ARG A 450 8.65 13.95 26.33
C ARG A 450 8.90 12.47 26.55
N ARG A 451 8.69 12.04 27.79
CA ARG A 451 8.95 10.65 28.15
C ARG A 451 8.09 9.69 27.35
N GLY A 452 6.88 10.12 26.98
CA GLY A 452 6.05 9.33 26.10
C GLY A 452 6.77 8.93 24.84
N ASN A 453 7.65 9.78 24.32
CA ASN A 453 8.31 9.44 23.07
C ASN A 453 9.34 8.33 23.26
N LEU A 454 9.96 8.24 24.45
CA LEU A 454 10.83 7.10 24.71
C LEU A 454 10.08 5.80 24.49
N GLU A 455 8.80 5.77 24.84
CA GLU A 455 8.02 4.57 24.68
C GLU A 455 7.64 4.30 23.23
N ARG A 456 7.72 5.31 22.33
CA ARG A 456 7.04 5.17 21.04
C ARG A 456 7.94 5.42 19.83
N PHE A 457 8.98 6.24 19.98
CA PHE A 457 9.77 6.64 18.84
C PHE A 457 10.38 5.41 18.14
N ASN A 458 10.19 5.33 16.83
CA ASN A 458 10.54 4.16 16.05
C ASN A 458 11.32 4.53 14.80
N GLY A 459 12.15 5.57 14.89
CA GLY A 459 13.06 5.93 13.82
C GLY A 459 14.51 5.61 14.17
N THR A 460 15.46 6.47 13.83
CA THR A 460 16.88 6.25 14.11
C THR A 460 17.35 7.12 15.28
N LEU A 461 18.25 6.59 16.10
CA LEU A 461 18.94 7.36 17.14
C LEU A 461 20.44 7.28 16.89
N ARG A 462 21.04 8.40 16.48
CA ARG A 462 22.45 8.47 16.15
C ARG A 462 23.20 9.08 17.34
N LEU A 463 24.15 8.34 17.87
CA LEU A 463 24.98 8.81 18.98
C LEU A 463 26.40 8.91 18.43
N ASP A 464 26.81 10.13 18.07
CA ASP A 464 28.13 10.34 17.48
C ASP A 464 28.90 11.44 18.19
N ASN A 465 28.40 11.96 19.29
CA ASN A 465 29.19 12.89 20.08
C ASN A 465 30.11 12.11 21.03
N PRO A 466 31.42 12.12 20.77
CA PRO A 466 32.34 11.31 21.61
C PRO A 466 32.36 11.72 23.06
N ASP A 467 31.77 12.86 23.42
CA ASP A 467 31.73 13.31 24.81
C ASP A 467 30.78 12.53 25.68
N ILE A 468 30.15 11.48 25.17
CA ILE A 468 29.22 10.68 25.95
C ILE A 468 30.02 9.69 26.79
N LYS A 469 29.86 9.78 28.12
CA LYS A 469 30.60 8.95 29.06
C LYS A 469 29.79 7.80 29.63
N SER A 470 28.47 7.80 29.43
CA SER A 470 27.60 6.76 30.00
C SER A 470 26.37 6.61 29.14
N LEU A 471 26.14 5.41 28.62
CA LEU A 471 24.93 5.12 27.86
C LEU A 471 23.79 4.66 28.74
N GLU A 472 23.83 5.00 30.03
CA GLU A 472 22.75 4.64 30.93
C GLU A 472 21.49 5.40 30.56
N GLY A 473 20.36 4.67 30.50
CA GLY A 473 19.09 5.23 30.09
C GLY A 473 18.53 4.63 28.82
N LEU A 474 19.41 4.22 27.89
CA LEU A 474 18.96 3.75 26.58
C LEU A 474 18.00 2.58 26.67
N ASN A 475 18.02 1.84 27.80
CA ASN A 475 17.06 0.78 28.07
C ASN A 475 15.62 1.29 28.09
N LYS A 476 15.43 2.57 28.40
CA LYS A 476 14.11 3.20 28.40
C LYS A 476 13.55 3.44 27.00
N LEU A 477 14.35 3.25 25.94
CA LEU A 477 13.87 3.34 24.57
C LEU A 477 13.28 2.01 24.15
N LYS A 478 12.00 2.02 23.75
CA LYS A 478 11.27 0.76 23.57
C LYS A 478 11.12 0.30 22.13
N LYS A 479 11.07 1.21 21.14
CA LYS A 479 10.74 0.75 19.79
C LYS A 479 11.65 1.33 18.73
N LEU A 480 12.89 1.67 19.07
CA LEU A 480 13.80 2.23 18.08
C LEU A 480 13.95 1.31 16.88
N ALA A 481 14.01 1.91 15.71
CA ALA A 481 14.32 1.12 14.53
C ALA A 481 15.82 0.87 14.44
N LYS A 482 16.62 1.87 14.81
CA LYS A 482 18.05 1.80 14.56
C LYS A 482 18.78 2.61 15.62
N LEU A 483 19.80 2.02 16.21
CA LEU A 483 20.75 2.70 17.09
C LEU A 483 22.09 2.80 16.35
N GLU A 484 22.73 3.96 16.45
CA GLU A 484 24.01 4.19 15.81
C GLU A 484 24.96 4.73 16.87
N LEU A 485 25.92 3.90 17.30
CA LEU A 485 26.97 4.30 18.22
C LEU A 485 28.24 4.54 17.40
N ILE A 486 28.67 5.80 17.31
CA ILE A 486 29.70 6.21 16.36
C ILE A 486 30.76 7.00 17.09
N GLY A 487 31.93 6.40 17.29
CA GLY A 487 33.08 7.14 17.76
C GLY A 487 33.01 7.56 19.22
N LEU A 488 32.26 6.84 20.03
CA LEU A 488 32.19 7.15 21.47
C LEU A 488 33.41 6.49 22.14
N SER A 489 34.53 7.22 22.09
CA SER A 489 35.81 6.70 22.56
C SER A 489 35.81 6.37 24.06
N GLN A 490 34.82 6.82 24.82
CA GLN A 490 34.85 6.66 26.27
C GLN A 490 33.95 5.53 26.78
N ILE A 491 33.34 4.76 25.89
CA ILE A 491 32.40 3.71 26.28
C ILE A 491 33.14 2.39 26.32
N THR A 492 33.24 1.80 27.52
CA THR A 492 34.02 0.59 27.76
C THR A 492 33.21 -0.70 27.73
N LYS A 493 31.89 -0.63 27.95
CA LYS A 493 31.05 -1.82 27.98
C LYS A 493 29.79 -1.60 27.14
N LEU A 494 29.29 -2.70 26.57
CA LEU A 494 27.99 -2.73 25.90
C LEU A 494 27.30 -4.03 26.28
N ASP A 495 26.10 -3.93 26.84
CA ASP A 495 25.30 -5.07 27.26
C ASP A 495 23.85 -4.62 27.43
N SER A 496 22.99 -5.51 27.91
CA SER A 496 21.56 -5.20 27.96
C SER A 496 21.25 -3.98 28.82
N SER A 497 22.09 -3.69 29.83
CA SER A 497 21.78 -2.58 30.73
C SER A 497 21.90 -1.22 30.05
N VAL A 498 22.64 -1.11 28.94
CA VAL A 498 22.83 0.17 28.28
C VAL A 498 22.39 0.10 26.83
N LEU A 499 21.50 -0.83 26.50
CA LEU A 499 20.97 -0.99 25.16
C LEU A 499 19.45 -0.86 25.18
N PRO A 500 18.83 -0.45 24.08
CA PRO A 500 17.36 -0.39 24.03
C PRO A 500 16.73 -1.71 24.40
N GLU A 501 15.50 -1.63 24.94
CA GLU A 501 14.79 -2.83 25.36
C GLU A 501 14.54 -3.79 24.21
N ASN A 502 14.31 -3.28 22.99
CA ASN A 502 14.07 -4.10 21.82
C ASN A 502 15.35 -4.47 21.09
N ILE A 503 16.48 -4.48 21.81
CA ILE A 503 17.67 -5.17 21.32
C ILE A 503 17.36 -6.64 21.08
N LYS A 504 16.33 -7.13 21.75
CA LYS A 504 15.87 -8.52 21.74
C LYS A 504 14.39 -8.50 21.45
N PRO A 505 13.81 -9.65 21.06
CA PRO A 505 12.39 -9.65 20.68
C PRO A 505 11.50 -9.32 21.87
N THR A 506 10.58 -8.39 21.66
CA THR A 506 9.67 -7.92 22.70
C THR A 506 8.32 -7.60 22.07
N LYS A 507 7.28 -7.59 22.90
CA LYS A 507 5.95 -7.21 22.47
C LYS A 507 5.61 -5.83 23.02
N ASP A 508 4.59 -5.23 22.41
CA ASP A 508 4.16 -3.90 22.83
C ASP A 508 3.43 -3.99 24.16
N THR A 509 3.79 -3.13 25.10
CA THR A 509 3.20 -3.12 26.44
C THR A 509 2.26 -1.95 26.69
N LEU A 510 2.22 -0.96 25.80
CA LEU A 510 1.23 0.11 25.93
C LEU A 510 -0.18 -0.46 25.85
N VAL A 511 -1.12 0.16 26.54
CA VAL A 511 -2.50 -0.33 26.52
C VAL A 511 -3.43 0.80 26.12
N SER A 512 -4.32 0.52 25.17
CA SER A 512 -5.14 1.58 24.59
C SER A 512 -6.25 1.96 25.55
N VAL A 513 -6.60 3.24 25.55
CA VAL A 513 -7.67 3.72 26.40
C VAL A 513 -9.02 3.65 25.72
N LEU A 514 -9.08 3.26 24.44
CA LEU A 514 -10.29 3.38 23.64
C LEU A 514 -11.22 2.19 23.79
N GLU A 515 -12.51 2.45 23.59
CA GLU A 515 -13.45 1.36 23.47
C GLU A 515 -13.20 0.58 22.19
N THR A 516 -13.57 -0.68 22.24
CA THR A 516 -13.40 -1.57 21.07
C THR A 516 -14.76 -2.16 20.73
N TYR A 517 -14.87 -2.70 19.52
CA TYR A 517 -16.10 -3.40 19.12
C TYR A 517 -15.99 -4.80 19.73
N LYS A 518 -16.88 -5.10 20.67
CA LYS A 518 -16.92 -6.49 21.18
C LYS A 518 -17.52 -7.35 20.07
N ASN A 519 -18.17 -6.74 19.08
CA ASN A 519 -18.68 -7.47 17.88
C ASN A 519 -17.48 -8.03 17.12
N ASP A 520 -16.26 -7.76 17.60
CA ASP A 520 -15.05 -8.42 17.07
C ASP A 520 -14.47 -9.14 18.27
N ASP A 521 -14.95 -10.35 18.53
CA ASP A 521 -14.34 -11.15 19.62
C ASP A 521 -13.18 -11.94 19.01
N ARG A 522 -12.23 -11.23 18.37
CA ARG A 522 -11.13 -11.92 17.67
C ARG A 522 -9.78 -11.67 18.35
N LYS A 523 -8.94 -10.82 17.75
CA LYS A 523 -7.55 -10.66 18.22
C LYS A 523 -7.37 -9.75 19.42
N GLU A 524 -6.96 -8.49 19.18
CA GLU A 524 -6.59 -7.55 20.28
C GLU A 524 -5.36 -8.18 20.92
N GLU A 525 -4.27 -8.35 20.16
CA GLU A 525 -3.15 -9.03 20.80
C GLU A 525 -1.87 -8.21 20.63
N ALA A 526 -1.02 -8.24 21.66
CA ALA A 526 0.13 -7.35 21.77
C ALA A 526 1.12 -7.58 20.66
N LYS A 527 1.17 -6.64 19.70
CA LYS A 527 1.96 -6.81 18.49
C LYS A 527 3.46 -6.81 18.81
N ALA A 528 4.19 -7.72 18.18
CA ALA A 528 5.62 -7.81 18.41
C ALA A 528 6.33 -6.59 17.84
N ILE A 529 7.30 -6.09 18.60
CA ILE A 529 8.12 -4.94 18.22
C ILE A 529 9.33 -5.42 17.42
N PRO A 530 9.58 -4.87 16.24
CA PRO A 530 10.79 -5.25 15.51
C PRO A 530 12.05 -4.84 16.28
N GLN A 531 13.10 -5.62 16.09
CA GLN A 531 14.29 -5.40 16.90
C GLN A 531 15.13 -4.26 16.32
N VAL A 532 15.71 -3.48 17.21
CA VAL A 532 16.51 -2.36 16.75
C VAL A 532 17.74 -2.86 15.98
N ALA A 533 18.06 -2.18 14.89
CA ALA A 533 19.30 -2.41 14.17
C ALA A 533 20.44 -1.72 14.91
N LEU A 534 21.56 -2.41 15.08
CA LEU A 534 22.65 -1.93 15.89
C LEU A 534 23.86 -1.63 15.02
N THR A 535 24.30 -0.38 15.04
CA THR A 535 25.49 0.06 14.31
C THR A 535 26.51 0.56 15.33
N ILE A 536 27.71 -0.01 15.28
CA ILE A 536 28.81 0.29 16.20
C ILE A 536 30.05 0.55 15.37
N SER A 537 30.67 1.71 15.54
CA SER A 537 31.93 1.97 14.84
C SER A 537 32.69 3.05 15.60
N GLY A 538 34.00 2.86 15.72
CA GLY A 538 34.82 3.90 16.32
C GLY A 538 34.75 3.95 17.82
N LEU A 539 34.23 2.90 18.45
CA LEU A 539 34.22 2.78 19.90
C LEU A 539 35.57 2.25 20.38
N THR A 540 36.60 3.05 20.12
CA THR A 540 38.00 2.65 20.27
C THR A 540 38.40 2.41 21.72
N GLY A 541 37.50 2.60 22.67
CA GLY A 541 37.71 2.19 24.05
C GLY A 541 36.80 1.07 24.49
N LEU A 542 36.06 0.44 23.58
CA LEU A 542 35.15 -0.62 23.95
C LEU A 542 35.95 -1.87 24.33
N LYS A 543 35.77 -2.35 25.54
CA LYS A 543 36.50 -3.52 26.02
C LYS A 543 35.64 -4.77 26.12
N GLU A 544 34.34 -4.63 26.34
CA GLU A 544 33.45 -5.77 26.50
C GLU A 544 32.20 -5.56 25.68
N LEU A 545 31.94 -6.50 24.78
CA LEU A 545 30.70 -6.56 24.02
C LEU A 545 29.98 -7.83 24.45
N ASN A 546 28.81 -7.68 25.06
CA ASN A 546 27.99 -8.81 25.46
C ASN A 546 26.59 -8.65 24.87
N LEU A 547 26.28 -9.45 23.84
CA LEU A 547 25.00 -9.46 23.16
C LEU A 547 24.31 -10.82 23.26
N ALA A 548 24.64 -11.61 24.28
CA ALA A 548 24.16 -12.97 24.34
C ALA A 548 22.67 -13.04 24.69
N GLY A 549 21.97 -14.00 24.10
CA GLY A 549 20.57 -14.24 24.41
C GLY A 549 19.58 -13.29 23.77
N PHE A 550 20.00 -12.50 22.77
CA PHE A 550 19.15 -11.45 22.21
C PHE A 550 18.41 -11.86 20.96
N ASP A 551 18.66 -13.07 20.43
CA ASP A 551 18.10 -13.49 19.13
C ASP A 551 18.43 -12.50 18.02
N ARG A 552 19.57 -11.82 18.12
CA ARG A 552 20.05 -11.02 17.00
C ARG A 552 20.14 -11.87 15.75
N ASP A 553 19.77 -11.29 14.60
CA ASP A 553 19.71 -12.00 13.33
C ASP A 553 20.96 -11.86 12.48
N SER A 554 21.82 -10.89 12.78
CA SER A 554 23.07 -10.71 12.06
C SER A 554 23.98 -9.82 12.90
N LEU A 555 25.24 -9.73 12.48
CA LEU A 555 26.17 -8.78 13.06
C LEU A 555 26.32 -7.50 12.25
N ALA A 556 25.58 -7.39 11.13
CA ALA A 556 25.70 -6.24 10.24
C ALA A 556 25.59 -4.93 11.00
N GLY A 557 26.50 -4.01 10.70
CA GLY A 557 26.58 -2.75 11.39
C GLY A 557 27.71 -2.64 12.40
N ILE A 558 28.36 -3.75 12.72
CA ILE A 558 29.49 -3.72 13.64
C ILE A 558 30.76 -3.59 12.80
N ASP A 559 31.35 -2.40 12.82
CA ASP A 559 32.66 -2.17 12.21
C ASP A 559 33.74 -2.64 13.21
N ALA A 560 34.00 -3.94 13.17
CA ALA A 560 34.93 -4.55 14.12
C ALA A 560 36.30 -3.89 14.10
N ALA A 561 36.78 -3.51 12.92
CA ALA A 561 38.16 -3.02 12.77
C ALA A 561 38.43 -1.73 13.52
N SER A 562 37.41 -1.07 14.07
CA SER A 562 37.61 0.11 14.91
C SER A 562 37.55 -0.22 16.40
N LEU A 563 37.20 -1.45 16.76
CA LEU A 563 37.12 -1.87 18.16
C LEU A 563 38.48 -2.44 18.60
N THR A 564 39.48 -1.56 18.51
CA THR A 564 40.89 -1.87 18.79
C THR A 564 41.16 -2.20 20.25
N SER A 565 40.16 -2.10 21.12
CA SER A 565 40.38 -2.31 22.55
C SER A 565 39.54 -3.46 23.10
N LEU A 566 39.06 -4.35 22.24
CA LEU A 566 38.19 -5.42 22.70
C LEU A 566 38.95 -6.45 23.52
N GLU A 567 38.34 -6.88 24.62
CA GLU A 567 38.94 -7.92 25.43
C GLU A 567 37.97 -9.07 25.70
N LYS A 568 36.67 -8.78 25.78
CA LYS A 568 35.68 -9.82 25.99
C LYS A 568 34.53 -9.63 25.01
N VAL A 569 34.11 -10.72 24.40
CA VAL A 569 33.00 -10.72 23.46
C VAL A 569 32.15 -11.94 23.75
N ASP A 570 30.84 -11.75 23.84
CA ASP A 570 29.87 -12.83 23.95
C ASP A 570 28.76 -12.59 22.93
N LEU A 571 28.56 -13.55 22.02
CA LEU A 571 27.53 -13.45 20.98
C LEU A 571 26.68 -14.72 20.92
N SER A 572 26.75 -15.54 21.96
CA SER A 572 26.03 -16.80 22.03
C SER A 572 24.53 -16.58 22.15
N SER A 573 23.78 -17.64 21.81
CA SER A 573 22.32 -17.63 21.90
C SER A 573 21.72 -16.47 21.10
N ASN A 574 22.00 -16.50 19.81
CA ASN A 574 21.42 -15.56 18.86
C ASN A 574 21.08 -16.39 17.63
N LYS A 575 20.88 -15.72 16.49
CA LYS A 575 20.53 -16.38 15.24
C LYS A 575 21.59 -16.08 14.18
N LEU A 576 22.85 -16.06 14.62
CA LEU A 576 23.97 -15.69 13.77
C LEU A 576 24.44 -16.87 12.95
N ASP A 577 24.34 -16.77 11.63
CA ASP A 577 25.00 -17.70 10.73
C ASP A 577 26.47 -17.30 10.66
N LEU A 578 27.33 -18.08 11.31
CA LEU A 578 28.76 -17.81 11.34
C LEU A 578 29.56 -18.74 10.45
N ALA A 579 28.90 -19.53 9.59
CA ALA A 579 29.58 -20.39 8.63
C ALA A 579 30.58 -19.62 7.81
N ALA A 580 31.59 -20.30 7.29
CA ALA A 580 32.68 -19.62 6.58
C ALA A 580 32.17 -19.00 5.27
N GLY A 581 32.80 -17.87 4.90
CA GLY A 581 32.41 -17.13 3.73
C GLY A 581 31.40 -16.03 3.96
N THR A 582 30.73 -16.03 5.11
CA THR A 582 29.71 -15.04 5.42
C THR A 582 30.33 -13.79 6.02
N GLU A 583 29.63 -12.66 5.84
CA GLU A 583 30.12 -11.40 6.39
C GLU A 583 30.07 -11.39 7.91
N ASN A 584 29.12 -12.12 8.50
CA ASN A 584 29.14 -12.35 9.94
C ASN A 584 30.50 -12.89 10.39
N ARG A 585 31.00 -13.91 9.67
CA ARG A 585 32.27 -14.52 10.04
C ARG A 585 33.41 -13.50 10.02
N GLN A 586 33.42 -12.64 9.00
CA GLN A 586 34.48 -11.64 8.89
C GLN A 586 34.48 -10.69 10.08
N ILE A 587 33.30 -10.21 10.48
CA ILE A 587 33.21 -9.36 11.67
C ILE A 587 33.67 -10.13 12.91
N LEU A 588 33.18 -11.35 13.05
CA LEU A 588 33.57 -12.19 14.17
C LEU A 588 35.09 -12.42 14.19
N ASP A 589 35.66 -12.69 13.01
CA ASP A 589 37.07 -13.01 12.95
C ASP A 589 37.93 -11.81 13.27
N THR A 590 37.50 -10.62 12.82
CA THR A 590 38.26 -9.43 13.12
C THR A 590 38.27 -9.13 14.60
N MET A 591 37.13 -9.35 15.28
CA MET A 591 37.13 -9.19 16.72
C MET A 591 38.07 -10.19 17.37
N LEU A 592 37.96 -11.47 16.97
CA LEU A 592 38.83 -12.52 17.48
C LEU A 592 40.31 -12.16 17.34
N ALA A 593 40.69 -11.58 16.20
CA ALA A 593 42.06 -11.10 16.03
C ALA A 593 42.42 -10.08 17.11
N THR A 594 41.49 -9.15 17.39
CA THR A 594 41.75 -8.13 18.41
C THR A 594 41.92 -8.73 19.81
N VAL A 595 41.19 -9.78 20.15
CA VAL A 595 41.24 -10.30 21.51
C VAL A 595 42.38 -11.29 21.71
N THR A 596 42.71 -12.13 20.72
CA THR A 596 43.83 -13.04 20.91
C THR A 596 45.16 -12.30 20.87
N LYS A 597 45.20 -11.15 20.22
CA LYS A 597 46.42 -10.31 20.28
C LYS A 597 46.48 -9.76 21.68
N HIS A 598 45.32 -9.63 22.33
CA HIS A 598 45.28 -9.30 23.75
C HIS A 598 45.58 -10.55 24.58
N GLY A 599 45.29 -10.49 25.87
CA GLY A 599 45.62 -11.58 26.78
C GLY A 599 44.83 -12.85 26.58
N GLY A 600 44.76 -13.66 27.64
CA GLY A 600 44.11 -14.95 27.61
C GLY A 600 42.76 -14.95 26.92
N VAL A 601 42.50 -15.99 26.13
CA VAL A 601 41.32 -16.09 25.30
C VAL A 601 40.67 -17.36 25.83
N SER A 602 40.42 -17.36 27.13
CA SER A 602 39.80 -18.45 27.89
C SER A 602 38.41 -18.83 27.39
N GLU A 603 37.93 -19.99 27.83
CA GLU A 603 36.58 -20.46 27.54
C GLU A 603 35.52 -19.44 27.88
N LYS A 604 35.88 -18.34 28.54
CA LYS A 604 34.94 -17.31 28.98
C LYS A 604 35.14 -15.98 28.28
N THR A 605 36.11 -15.89 27.36
CA THR A 605 36.58 -14.60 26.85
C THR A 605 36.00 -14.24 25.48
N PHE A 606 35.62 -15.23 24.68
CA PHE A 606 35.14 -14.99 23.31
C PHE A 606 34.20 -16.15 22.98
N VAL A 607 32.91 -15.98 23.29
CA VAL A 607 31.93 -17.05 23.23
C VAL A 607 30.93 -16.72 22.12
N PHE A 608 30.65 -17.70 21.25
CA PHE A 608 29.81 -17.45 20.10
C PHE A 608 28.90 -18.62 19.73
N ASP A 609 28.76 -19.63 20.57
CA ASP A 609 28.06 -20.84 20.16
C ASP A 609 26.55 -20.64 20.28
N HIS A 610 25.80 -21.75 20.20
CA HIS A 610 24.35 -21.77 20.43
C HIS A 610 23.61 -20.81 19.50
N GLN A 611 24.02 -20.75 18.24
CA GLN A 611 23.30 -19.98 17.23
C GLN A 611 22.27 -20.86 16.55
N LYS A 612 21.04 -20.37 16.48
CA LYS A 612 19.97 -21.00 15.70
C LYS A 612 19.52 -20.04 14.61
N PRO A 613 20.30 -19.87 13.55
CA PRO A 613 19.96 -18.90 12.51
C PRO A 613 18.71 -19.32 11.74
N THR A 614 18.01 -18.34 11.20
CA THR A 614 16.73 -18.58 10.57
C THR A 614 16.93 -19.20 9.19
N GLY A 615 16.19 -20.27 8.93
CA GLY A 615 16.15 -20.80 7.58
C GLY A 615 15.13 -20.08 6.71
N LEU A 616 15.60 -19.42 5.65
CA LEU A 616 14.74 -18.74 4.69
C LEU A 616 14.67 -19.54 3.39
N TYR A 617 13.80 -19.08 2.49
CA TYR A 617 13.66 -19.67 1.16
C TYR A 617 14.75 -19.14 0.24
N PRO A 618 15.35 -20.00 -0.58
CA PRO A 618 16.32 -19.50 -1.57
C PRO A 618 15.65 -18.54 -2.54
N ASP A 619 16.26 -17.37 -2.71
CA ASP A 619 15.72 -16.39 -3.67
C ASP A 619 15.84 -16.89 -5.12
N THR A 620 16.88 -17.66 -5.43
CA THR A 620 17.05 -18.22 -6.76
C THR A 620 17.48 -19.68 -6.63
N TYR A 621 17.11 -20.49 -7.61
CA TYR A 621 17.32 -21.93 -7.54
C TYR A 621 18.36 -22.35 -8.56
N GLY A 622 18.69 -23.65 -8.56
CA GLY A 622 19.86 -24.15 -9.24
C GLY A 622 19.71 -24.54 -10.70
N THR A 623 18.61 -25.21 -11.04
CA THR A 623 18.41 -25.76 -12.38
C THR A 623 17.33 -24.99 -13.10
N LYS A 624 17.68 -24.33 -14.20
CA LYS A 624 16.72 -23.56 -15.00
C LYS A 624 16.51 -24.15 -16.39
N SER A 625 17.07 -25.33 -16.66
CA SER A 625 16.89 -25.96 -17.97
C SER A 625 17.41 -27.38 -17.91
N LEU A 626 16.68 -28.30 -18.53
CA LEU A 626 17.08 -29.71 -18.54
C LEU A 626 16.67 -30.30 -19.89
N GLN A 627 17.65 -30.79 -20.64
CA GLN A 627 17.37 -31.57 -21.83
C GLN A 627 17.50 -33.04 -21.46
N LEU A 628 16.48 -33.84 -21.78
CA LEU A 628 16.51 -35.25 -21.41
C LEU A 628 15.82 -36.07 -22.48
N PRO A 629 16.17 -37.35 -22.62
CA PRO A 629 15.71 -38.13 -23.77
C PRO A 629 14.30 -38.67 -23.60
N VAL A 630 13.68 -38.98 -24.73
CA VAL A 630 12.36 -39.58 -24.76
C VAL A 630 12.46 -40.99 -24.16
N ALA A 631 11.81 -41.20 -23.02
CA ALA A 631 11.83 -42.50 -22.36
C ALA A 631 10.52 -42.68 -21.61
N ASN A 632 10.22 -43.93 -21.24
CA ASN A 632 8.98 -44.25 -20.55
C ASN A 632 9.11 -44.02 -19.04
N ASP A 633 9.53 -42.81 -18.67
CA ASP A 633 9.79 -42.50 -17.27
C ASP A 633 8.92 -41.35 -16.78
N THR A 634 8.41 -41.51 -15.57
CA THR A 634 7.66 -40.47 -14.86
C THR A 634 8.61 -39.79 -13.90
N ILE A 635 8.91 -38.51 -14.14
CA ILE A 635 9.91 -37.78 -13.39
C ILE A 635 9.23 -36.80 -12.45
N ASP A 636 9.72 -36.73 -11.21
CA ASP A 636 9.21 -35.77 -10.23
C ASP A 636 9.85 -34.42 -10.48
N LEU A 637 9.08 -33.48 -11.01
CA LEU A 637 9.64 -32.18 -11.38
C LEU A 637 10.04 -31.35 -10.17
N GLN A 638 9.31 -31.52 -9.04
CA GLN A 638 9.60 -30.69 -7.87
C GLN A 638 10.88 -31.15 -7.18
N ALA A 639 11.10 -32.47 -7.11
CA ALA A 639 12.36 -32.97 -6.54
C ALA A 639 13.54 -32.63 -7.43
N LYS A 640 13.31 -32.50 -8.74
CA LYS A 640 14.36 -32.17 -9.68
C LYS A 640 14.72 -30.69 -9.67
N LEU A 641 13.75 -29.79 -9.43
CA LEU A 641 13.95 -28.37 -9.65
C LEU A 641 13.73 -27.48 -8.44
N LEU A 642 12.97 -27.91 -7.43
CA LEU A 642 12.64 -27.02 -6.31
C LEU A 642 12.93 -27.70 -4.97
N PHE A 643 14.04 -27.33 -4.35
CA PHE A 643 14.35 -27.75 -2.99
C PHE A 643 15.40 -26.82 -2.41
N GLY A 644 15.51 -26.81 -1.09
CA GLY A 644 16.57 -26.07 -0.43
C GLY A 644 16.13 -25.06 0.62
N THR A 645 17.02 -24.77 1.56
CA THR A 645 16.83 -23.74 2.58
C THR A 645 18.07 -22.86 2.59
N VAL A 646 17.91 -21.61 2.99
CA VAL A 646 19.00 -20.64 2.91
C VAL A 646 18.99 -19.77 4.18
N THR A 647 20.14 -19.67 4.84
CA THR A 647 20.29 -18.71 5.94
C THR A 647 20.32 -17.28 5.40
N ASN A 648 20.12 -16.32 6.30
CA ASN A 648 20.12 -14.92 5.90
C ASN A 648 21.48 -14.45 5.39
N GLN A 649 22.52 -15.27 5.48
CA GLN A 649 23.83 -14.95 4.92
C GLN A 649 24.13 -15.74 3.65
N GLY A 650 23.24 -16.64 3.23
CA GLY A 650 23.38 -17.31 1.95
C GLY A 650 23.83 -18.75 1.98
N THR A 651 23.84 -19.39 3.15
CA THR A 651 24.33 -20.76 3.24
C THR A 651 23.22 -21.71 2.78
N LEU A 652 23.40 -22.30 1.61
CA LEU A 652 22.41 -23.20 1.04
C LEU A 652 22.49 -24.57 1.71
N ILE A 653 21.38 -25.02 2.28
CA ILE A 653 21.27 -26.35 2.85
C ILE A 653 20.18 -27.09 2.09
N ASN A 654 20.56 -28.13 1.35
CA ASN A 654 19.62 -28.92 0.58
C ASN A 654 19.13 -30.19 1.29
N SER A 655 19.79 -30.61 2.39
CA SER A 655 19.53 -31.95 2.90
C SER A 655 19.82 -32.04 4.40
N GLU A 656 19.35 -33.14 5.00
CA GLU A 656 19.80 -33.54 6.33
C GLU A 656 21.31 -33.71 6.38
N ALA A 657 21.87 -34.39 5.35
CA ALA A 657 23.31 -34.59 5.26
C ALA A 657 24.05 -33.25 5.19
N ASP A 658 23.57 -32.36 4.31
CA ASP A 658 24.12 -31.01 4.24
C ASP A 658 24.10 -30.33 5.60
N TYR A 659 22.99 -30.48 6.33
CA TYR A 659 22.84 -29.72 7.57
C TYR A 659 23.72 -30.26 8.69
N LYS A 660 23.96 -31.58 8.75
CA LYS A 660 24.88 -32.06 9.79
C LYS A 660 26.30 -31.62 9.51
N ALA A 661 26.69 -31.57 8.24
CA ALA A 661 27.96 -30.94 7.90
C ALA A 661 28.00 -29.52 8.44
N TYR A 662 26.90 -28.80 8.29
CA TYR A 662 26.78 -27.44 8.81
C TYR A 662 26.81 -27.43 10.34
N GLN A 663 26.07 -28.34 10.99
CA GLN A 663 26.02 -28.36 12.46
C GLN A 663 27.40 -28.43 13.08
N GLU A 664 28.32 -29.20 12.48
CA GLU A 664 29.62 -29.44 13.07
C GLU A 664 30.74 -28.62 12.45
N GLN A 665 30.41 -27.48 11.84
CA GLN A 665 31.45 -26.53 11.49
C GLN A 665 32.06 -25.93 12.76
N GLU A 666 33.22 -25.31 12.63
CA GLU A 666 33.98 -24.94 13.81
C GLU A 666 34.72 -23.61 13.60
N ILE A 667 34.88 -22.89 14.71
CA ILE A 667 35.66 -21.66 14.78
C ILE A 667 36.64 -21.81 15.92
N ALA A 668 37.94 -21.77 15.61
CA ALA A 668 39.00 -21.90 16.60
C ALA A 668 38.75 -23.09 17.53
N GLY A 669 38.40 -24.22 16.92
CA GLY A 669 38.18 -25.43 17.69
C GLY A 669 36.88 -25.49 18.45
N HIS A 670 35.86 -24.74 18.02
CA HIS A 670 34.58 -24.78 18.70
C HIS A 670 33.46 -24.63 17.69
N ARG A 671 32.46 -25.49 17.79
CA ARG A 671 31.29 -25.40 16.94
C ARG A 671 30.39 -24.24 17.39
N PHE A 672 29.57 -23.75 16.46
CA PHE A 672 28.76 -22.58 16.75
C PHE A 672 27.26 -22.84 16.62
N VAL A 673 26.84 -23.66 15.65
CA VAL A 673 25.43 -23.99 15.51
C VAL A 673 24.97 -24.72 16.76
N ASP A 674 23.78 -24.39 17.21
CA ASP A 674 23.24 -25.01 18.42
C ASP A 674 23.04 -26.51 18.23
N SER A 675 23.41 -27.28 19.27
CA SER A 675 23.28 -28.74 19.23
C SER A 675 21.83 -29.20 19.13
N SER A 676 20.90 -28.44 19.71
CA SER A 676 19.49 -28.77 19.69
C SER A 676 18.82 -28.52 18.35
N TYR A 677 19.45 -27.73 17.48
CA TYR A 677 18.79 -27.14 16.33
C TYR A 677 18.64 -28.19 15.22
N ASP A 678 17.52 -28.92 15.28
CA ASP A 678 17.15 -29.96 14.32
C ASP A 678 17.19 -29.42 12.90
N TYR A 679 17.23 -30.31 11.90
CA TYR A 679 17.11 -29.89 10.51
C TYR A 679 15.66 -29.53 10.19
N LYS A 680 14.72 -30.40 10.54
CA LYS A 680 13.30 -30.06 10.41
C LYS A 680 12.95 -28.80 11.22
N ALA A 681 13.72 -28.51 12.27
CA ALA A 681 13.55 -27.23 12.96
C ALA A 681 13.96 -26.07 12.07
N PHE A 682 15.12 -26.19 11.41
CA PHE A 682 15.68 -25.08 10.65
C PHE A 682 15.11 -24.99 9.23
N ALA A 683 14.63 -26.09 8.68
CA ALA A 683 14.47 -26.21 7.24
C ALA A 683 13.11 -25.72 6.75
N VAL A 684 13.15 -24.90 5.70
CA VAL A 684 11.97 -24.50 4.95
C VAL A 684 11.19 -25.73 4.43
N THR A 685 9.91 -25.53 4.10
CA THR A 685 9.09 -26.57 3.49
C THR A 685 8.40 -26.08 2.21
N TYR A 686 8.05 -27.05 1.37
CA TYR A 686 7.37 -26.81 0.11
C TYR A 686 6.08 -27.61 0.06
N LYS A 687 5.29 -27.56 1.13
CA LYS A 687 4.02 -28.30 1.15
C LYS A 687 2.95 -27.58 0.35
N ASP A 688 2.83 -26.27 0.52
CA ASP A 688 1.75 -25.52 -0.08
C ASP A 688 2.16 -24.88 -1.40
N TYR A 689 3.21 -25.39 -2.03
CA TYR A 689 3.72 -24.85 -3.28
C TYR A 689 3.00 -25.49 -4.47
N LYS A 690 2.88 -24.71 -5.55
CA LYS A 690 2.09 -25.05 -6.73
C LYS A 690 2.96 -25.07 -7.97
N ILE A 691 2.63 -25.97 -8.90
CA ILE A 691 3.37 -26.12 -10.15
C ILE A 691 2.43 -25.84 -11.32
N LYS A 692 2.96 -25.17 -12.34
CA LYS A 692 2.23 -24.84 -13.56
C LYS A 692 3.07 -25.26 -14.76
N VAL A 693 2.78 -26.43 -15.33
CA VAL A 693 3.51 -26.95 -16.47
C VAL A 693 2.74 -26.64 -17.75
N THR A 694 3.42 -26.00 -18.70
CA THR A 694 2.84 -25.58 -19.97
C THR A 694 3.67 -26.12 -21.12
N ASP A 695 3.04 -26.85 -22.04
CA ASP A 695 3.76 -27.40 -23.16
C ASP A 695 3.86 -26.38 -24.30
N SER A 696 4.42 -26.82 -25.44
CA SER A 696 4.60 -25.91 -26.57
C SER A 696 3.28 -25.55 -27.23
N THR A 697 2.24 -26.39 -27.07
CA THR A 697 0.93 -26.12 -27.64
C THR A 697 0.01 -25.38 -26.66
N LEU A 698 0.55 -24.84 -25.57
CA LEU A 698 -0.12 -24.06 -24.53
C LEU A 698 -0.97 -24.90 -23.57
N GLY A 699 -1.00 -26.21 -23.71
CA GLY A 699 -1.69 -27.05 -22.75
C GLY A 699 -1.05 -26.92 -21.38
N VAL A 700 -1.87 -26.71 -20.35
CA VAL A 700 -1.39 -26.45 -19.00
C VAL A 700 -1.90 -27.56 -18.10
N THR A 701 -1.03 -28.01 -17.18
CA THR A 701 -1.37 -28.96 -16.12
C THR A 701 -0.64 -28.54 -14.85
N ASP A 702 -1.19 -28.94 -13.70
CA ASP A 702 -0.54 -28.73 -12.41
C ASP A 702 -0.03 -30.04 -11.82
N HIS A 703 0.18 -31.05 -12.67
CA HIS A 703 0.75 -32.31 -12.24
C HIS A 703 2.24 -32.14 -11.99
N LYS A 704 2.71 -32.71 -10.88
CA LYS A 704 4.11 -32.60 -10.53
C LYS A 704 4.95 -33.67 -11.21
N ASP A 705 4.50 -34.92 -11.15
CA ASP A 705 5.19 -36.01 -11.82
C ASP A 705 4.87 -35.94 -13.32
N LEU A 706 5.89 -35.66 -14.12
CA LEU A 706 5.76 -35.48 -15.56
C LEU A 706 6.32 -36.71 -16.28
N SER A 707 5.60 -37.16 -17.30
CA SER A 707 6.05 -38.28 -18.11
C SER A 707 7.00 -37.80 -19.19
N THR A 708 7.96 -38.66 -19.52
CA THR A 708 8.94 -38.41 -20.58
C THR A 708 8.59 -39.14 -21.88
N SER A 709 7.48 -39.88 -21.91
CA SER A 709 7.10 -40.78 -22.98
C SER A 709 6.81 -40.08 -24.29
N LYS A 710 6.88 -38.75 -24.33
CA LYS A 710 6.29 -37.97 -25.42
C LYS A 710 7.25 -36.86 -25.80
N GLU A 711 7.62 -36.79 -27.07
CA GLU A 711 8.46 -35.68 -27.52
C GLU A 711 7.71 -34.36 -27.38
N GLU A 712 8.11 -33.56 -26.39
CA GLU A 712 7.45 -32.30 -26.08
C GLU A 712 8.43 -31.42 -25.33
N THR A 713 8.24 -30.10 -25.43
CA THR A 713 9.02 -29.13 -24.67
C THR A 713 8.08 -28.37 -23.75
N TYR A 714 8.49 -28.18 -22.51
CA TYR A 714 7.63 -27.68 -21.46
C TYR A 714 8.14 -26.35 -20.92
N LYS A 715 7.27 -25.69 -20.17
CA LYS A 715 7.65 -24.58 -19.30
C LYS A 715 7.12 -24.90 -17.91
N VAL A 716 8.01 -25.15 -16.97
CA VAL A 716 7.64 -25.44 -15.59
C VAL A 716 7.72 -24.15 -14.79
N GLU A 717 6.73 -23.91 -13.94
CA GLU A 717 6.74 -22.79 -13.02
C GLU A 717 6.27 -23.27 -11.66
N PHE A 718 6.85 -22.69 -10.60
CA PHE A 718 6.49 -22.98 -9.23
C PHE A 718 5.96 -21.73 -8.56
N PHE A 719 4.91 -21.89 -7.76
CA PHE A 719 4.28 -20.77 -7.07
C PHE A 719 4.19 -21.05 -5.58
N SER A 720 4.66 -20.10 -4.78
CA SER A 720 4.51 -20.18 -3.34
C SER A 720 3.07 -19.88 -2.93
N PRO A 721 2.57 -20.51 -1.87
CA PRO A 721 1.18 -20.26 -1.44
C PRO A 721 0.86 -18.79 -1.24
N ILE A 722 1.79 -18.01 -0.70
CA ILE A 722 1.53 -16.59 -0.42
C ILE A 722 1.30 -15.76 -1.68
N ASN A 723 1.59 -16.31 -2.86
CA ASN A 723 1.43 -15.56 -4.10
C ASN A 723 1.40 -16.53 -5.27
N SER A 724 0.26 -16.65 -5.94
CA SER A 724 0.14 -17.54 -7.08
C SER A 724 0.10 -16.80 -8.40
N THR A 725 0.47 -15.52 -8.41
CA THR A 725 0.58 -14.75 -9.64
C THR A 725 2.01 -14.67 -10.15
N LYS A 726 2.98 -14.40 -9.29
CA LYS A 726 4.37 -14.44 -9.75
C LYS A 726 5.07 -15.68 -9.23
N PRO A 727 5.75 -16.42 -10.11
CA PRO A 727 6.39 -17.68 -9.69
C PRO A 727 7.71 -17.43 -8.96
N VAL A 728 8.08 -18.40 -8.13
CA VAL A 728 9.36 -18.30 -7.43
C VAL A 728 10.50 -18.87 -8.27
N HIS A 729 10.20 -19.77 -9.20
CA HIS A 729 11.25 -20.36 -10.02
C HIS A 729 10.60 -20.96 -11.25
N GLU A 730 11.35 -20.91 -12.36
CA GLU A 730 10.84 -21.42 -13.63
C GLU A 730 12.02 -22.00 -14.42
N ALA A 731 11.70 -22.98 -15.25
CA ALA A 731 12.72 -23.77 -15.90
C ALA A 731 12.12 -24.45 -17.11
N LYS A 732 12.90 -24.55 -18.18
CA LYS A 732 12.44 -25.13 -19.42
C LYS A 732 12.94 -26.57 -19.51
N ILE A 733 12.01 -27.48 -19.76
CA ILE A 733 12.29 -28.91 -19.81
C ILE A 733 12.06 -29.37 -21.24
N VAL A 734 13.13 -29.81 -21.91
CA VAL A 734 13.05 -30.30 -23.28
C VAL A 734 13.15 -31.82 -23.25
N VAL A 735 12.10 -32.49 -23.71
CA VAL A 735 12.15 -33.92 -24.03
C VAL A 735 12.33 -34.05 -25.53
N GLY A 736 13.29 -34.88 -25.95
CA GLY A 736 13.57 -35.00 -27.37
C GLY A 736 14.14 -33.71 -27.96
N GLU A 737 13.79 -33.46 -29.22
CA GLU A 737 14.23 -32.24 -29.88
C GLU A 737 13.30 -31.09 -29.52
N GLU A 738 13.89 -29.96 -29.11
CA GLU A 738 13.11 -28.84 -28.62
C GLU A 738 12.15 -28.30 -29.69
N LYS A 739 10.90 -28.08 -29.28
CA LYS A 739 9.94 -27.34 -30.07
C LYS A 739 9.82 -25.92 -29.51
N THR A 740 9.52 -24.97 -30.39
CA THR A 740 9.30 -23.60 -29.97
C THR A 740 8.02 -23.48 -29.15
N MET A 741 8.05 -22.60 -28.16
CA MET A 741 6.85 -22.29 -27.38
C MET A 741 5.91 -21.44 -28.19
N MET A 742 4.69 -21.93 -28.39
CA MET A 742 3.67 -21.16 -29.10
C MET A 742 2.96 -20.21 -28.14
N VAL A 743 2.33 -19.20 -28.71
CA VAL A 743 1.56 -18.23 -27.96
C VAL A 743 0.08 -18.36 -28.35
N ASN A 744 -0.79 -17.83 -27.50
CA ASN A 744 -2.21 -17.72 -27.82
C ASN A 744 -2.41 -16.42 -28.58
N LEU A 745 -2.52 -16.53 -29.91
CA LEU A 745 -2.67 -15.32 -30.71
C LEU A 745 -4.04 -14.70 -30.55
N ALA A 746 -5.00 -15.43 -30.01
CA ALA A 746 -6.34 -14.91 -29.85
C ALA A 746 -6.51 -14.03 -28.63
N GLU A 747 -5.54 -14.02 -27.71
CA GLU A 747 -5.63 -13.21 -26.50
C GLU A 747 -6.03 -11.78 -26.86
N GLY A 748 -6.96 -11.24 -26.08
CA GLY A 748 -7.43 -9.89 -26.28
C GLY A 748 -8.02 -9.61 -27.64
N ALA A 749 -8.40 -10.63 -28.40
CA ALA A 749 -8.95 -10.38 -29.74
C ALA A 749 -10.17 -9.49 -29.65
N THR A 750 -10.45 -8.78 -30.73
CA THR A 750 -11.61 -7.90 -30.78
C THR A 750 -12.81 -8.70 -31.28
N ILE A 751 -13.94 -8.53 -30.60
CA ILE A 751 -15.20 -9.11 -31.07
C ILE A 751 -15.70 -8.27 -32.23
N ILE A 752 -15.92 -8.92 -33.37
CA ILE A 752 -16.41 -8.23 -34.56
C ILE A 752 -17.92 -8.42 -34.72
N GLY A 753 -18.39 -9.65 -34.61
CA GLY A 753 -19.79 -9.92 -34.86
C GLY A 753 -20.24 -11.27 -34.36
N GLY A 754 -21.34 -11.75 -34.94
CA GLY A 754 -22.01 -12.93 -34.44
C GLY A 754 -23.08 -12.58 -33.43
N ASP A 755 -23.74 -13.62 -32.92
CA ASP A 755 -24.93 -13.42 -32.12
C ASP A 755 -24.68 -13.52 -30.63
N ALA A 756 -23.45 -13.81 -30.20
CA ALA A 756 -23.15 -13.91 -28.79
C ALA A 756 -23.30 -12.56 -28.10
N ASP A 757 -23.51 -12.59 -26.80
CA ASP A 757 -23.60 -11.36 -26.03
C ASP A 757 -22.27 -10.63 -26.06
N PRO A 758 -22.20 -9.38 -26.51
CA PRO A 758 -20.90 -8.72 -26.68
C PRO A 758 -20.06 -8.65 -25.41
N THR A 759 -20.67 -8.45 -24.23
CA THR A 759 -19.88 -8.34 -23.01
C THR A 759 -19.18 -9.66 -22.65
N ASN A 760 -19.90 -10.78 -22.72
CA ASN A 760 -19.27 -12.06 -22.41
C ASN A 760 -18.46 -12.59 -23.58
N ALA A 761 -18.80 -12.19 -24.81
CA ALA A 761 -17.99 -12.53 -25.98
C ALA A 761 -16.56 -12.03 -25.80
N LYS A 762 -16.41 -10.77 -25.36
CA LYS A 762 -15.08 -10.25 -25.05
C LYS A 762 -14.35 -11.13 -24.04
N LYS A 763 -15.05 -11.59 -23.00
CA LYS A 763 -14.41 -12.38 -21.95
C LYS A 763 -13.87 -13.71 -22.46
N VAL A 764 -14.28 -14.17 -23.64
CA VAL A 764 -13.79 -15.44 -24.15
C VAL A 764 -12.30 -15.36 -24.49
N PHE A 765 -11.78 -14.16 -24.67
CA PHE A 765 -10.41 -13.97 -25.13
C PHE A 765 -9.55 -13.15 -24.17
N ASP A 766 -10.10 -12.71 -23.04
CA ASP A 766 -9.32 -11.86 -22.14
C ASP A 766 -8.18 -12.64 -21.48
N GLY A 767 -8.33 -13.95 -21.36
CA GLY A 767 -7.30 -14.80 -20.83
C GLY A 767 -7.60 -15.07 -19.37
N LEU A 768 -8.37 -16.12 -19.13
CA LEU A 768 -8.74 -16.69 -17.83
C LEU A 768 -9.47 -17.98 -18.17
N LEU A 769 -9.08 -19.09 -17.56
CA LEU A 769 -9.64 -20.37 -17.95
C LEU A 769 -10.98 -20.66 -17.28
N ASN A 770 -11.21 -20.11 -16.10
CA ASN A 770 -12.42 -20.33 -15.30
C ASN A 770 -12.94 -19.01 -14.75
N ASN A 771 -13.15 -18.02 -15.64
CA ASN A 771 -13.57 -16.68 -15.25
C ASN A 771 -14.61 -16.75 -14.15
N ASP A 772 -14.35 -16.05 -13.04
CA ASP A 772 -15.40 -15.89 -12.03
C ASP A 772 -16.68 -15.34 -12.68
N THR A 773 -16.55 -14.38 -13.57
CA THR A 773 -17.70 -13.73 -14.18
C THR A 773 -18.42 -14.67 -15.14
N THR A 774 -19.67 -14.34 -15.42
CA THR A 774 -20.52 -15.22 -16.22
C THR A 774 -19.98 -15.35 -17.64
N THR A 775 -19.93 -16.59 -18.14
CA THR A 775 -19.42 -16.91 -19.46
C THR A 775 -20.54 -17.18 -20.46
N LEU A 776 -21.78 -16.87 -20.07
CA LEU A 776 -22.95 -17.20 -20.85
C LEU A 776 -22.99 -16.37 -22.13
N SER A 777 -23.10 -17.03 -23.28
CA SER A 777 -23.11 -16.33 -24.57
C SER A 777 -24.52 -16.03 -25.11
N THR A 778 -25.47 -16.93 -24.92
CA THR A 778 -26.83 -16.78 -25.44
C THR A 778 -27.75 -17.66 -24.61
N SER A 779 -28.97 -17.88 -25.11
CA SER A 779 -29.72 -19.08 -24.74
C SER A 779 -29.56 -20.09 -25.90
N ASN A 780 -28.54 -21.00 -25.75
CA ASN A 780 -28.31 -22.33 -26.36
C ASN A 780 -27.48 -22.60 -27.64
N LYS A 781 -27.26 -21.62 -28.50
CA LYS A 781 -26.27 -21.85 -29.54
C LYS A 781 -25.75 -20.47 -29.89
N ALA A 782 -24.46 -20.37 -30.16
CA ALA A 782 -23.92 -19.02 -30.29
C ALA A 782 -22.77 -19.04 -31.27
N SER A 783 -22.46 -17.86 -31.79
CA SER A 783 -21.35 -17.69 -32.70
C SER A 783 -20.66 -16.39 -32.37
N ILE A 784 -19.35 -16.34 -32.58
CA ILE A 784 -18.57 -15.10 -32.47
C ILE A 784 -17.71 -14.97 -33.72
N ILE A 785 -17.80 -13.82 -34.40
CA ILE A 785 -16.81 -13.39 -35.39
C ILE A 785 -15.79 -12.54 -34.67
N PHE A 786 -14.49 -12.84 -34.84
CA PHE A 786 -13.50 -12.09 -34.10
C PHE A 786 -12.22 -11.88 -34.91
N GLU A 787 -11.35 -11.02 -34.37
CA GLU A 787 -10.16 -10.51 -35.05
C GLU A 787 -8.97 -10.55 -34.11
N LEU A 788 -7.97 -11.39 -34.44
CA LEU A 788 -6.73 -11.42 -33.68
C LEU A 788 -6.01 -10.08 -33.75
N LYS A 789 -5.48 -9.64 -32.61
CA LYS A 789 -4.79 -8.36 -32.54
C LYS A 789 -3.60 -8.34 -33.48
N GLU A 790 -2.63 -9.23 -33.25
CA GLU A 790 -1.49 -9.40 -34.15
C GLU A 790 -1.62 -10.71 -34.90
N PRO A 791 -1.92 -10.70 -36.19
CA PRO A 791 -2.06 -11.96 -36.92
C PRO A 791 -0.72 -12.65 -37.10
N GLY A 792 -0.74 -13.97 -36.96
CA GLY A 792 0.45 -14.78 -37.11
C GLY A 792 0.15 -16.09 -37.81
N LEU A 793 0.97 -17.10 -37.57
CA LEU A 793 0.80 -18.40 -38.22
C LEU A 793 0.19 -19.38 -37.22
N VAL A 794 -1.01 -19.85 -37.53
CA VAL A 794 -1.83 -20.63 -36.61
C VAL A 794 -1.53 -22.11 -36.80
N LYS A 795 -1.21 -22.81 -35.70
CA LYS A 795 -0.88 -24.22 -35.75
C LYS A 795 -1.73 -25.08 -34.84
N HIS A 796 -2.70 -24.50 -34.13
CA HIS A 796 -3.36 -25.22 -33.04
C HIS A 796 -4.53 -24.39 -32.57
N TRP A 797 -5.52 -25.07 -31.99
CA TRP A 797 -6.56 -24.36 -31.24
C TRP A 797 -7.00 -25.18 -30.04
N ARG A 798 -7.71 -24.50 -29.14
CA ARG A 798 -8.14 -25.06 -27.87
C ARG A 798 -9.33 -24.24 -27.37
N PHE A 799 -10.27 -24.92 -26.71
CA PHE A 799 -11.38 -24.26 -26.05
C PHE A 799 -11.77 -25.08 -24.85
N PHE A 800 -12.35 -24.41 -23.85
CA PHE A 800 -12.70 -25.03 -22.57
C PHE A 800 -14.19 -24.90 -22.31
N ASN A 801 -14.76 -25.96 -21.73
CA ASN A 801 -15.93 -25.77 -20.88
C ASN A 801 -15.47 -25.49 -19.47
N ASP A 802 -16.27 -24.75 -18.74
CA ASP A 802 -15.93 -24.55 -17.35
C ASP A 802 -16.36 -25.75 -16.54
N SER A 803 -15.41 -26.32 -15.80
CA SER A 803 -15.80 -27.16 -14.69
C SER A 803 -16.62 -26.33 -13.72
N LYS A 804 -17.12 -26.99 -12.69
CA LYS A 804 -18.25 -26.56 -11.89
C LYS A 804 -19.58 -26.85 -12.59
N ILE A 805 -19.60 -27.15 -13.89
CA ILE A 805 -20.88 -27.46 -14.50
C ILE A 805 -20.88 -28.92 -14.91
N SER A 806 -22.09 -29.46 -15.04
CA SER A 806 -22.27 -30.83 -15.44
C SER A 806 -21.89 -31.01 -16.91
N LYS A 807 -21.38 -32.21 -17.23
CA LYS A 807 -21.14 -32.59 -18.62
C LYS A 807 -22.39 -32.43 -19.48
N ALA A 808 -23.58 -32.49 -18.87
CA ALA A 808 -24.81 -32.34 -19.63
C ALA A 808 -24.91 -30.94 -20.25
N ASP A 809 -24.29 -29.94 -19.63
CA ASP A 809 -24.36 -28.56 -20.12
C ASP A 809 -23.13 -28.16 -20.91
N TYR A 810 -22.20 -29.07 -21.14
CA TYR A 810 -21.01 -28.79 -21.94
C TYR A 810 -21.36 -28.51 -23.41
N ILE A 811 -20.57 -27.64 -24.03
CA ILE A 811 -20.56 -27.54 -25.49
C ILE A 811 -20.36 -28.93 -26.07
N LYS A 812 -21.22 -29.32 -27.01
CA LYS A 812 -21.14 -30.66 -27.57
C LYS A 812 -20.74 -30.69 -29.03
N GLU A 813 -20.94 -29.60 -29.77
CA GLU A 813 -20.49 -29.48 -31.15
C GLU A 813 -19.95 -28.09 -31.35
N ALA A 814 -18.77 -27.98 -31.94
CA ALA A 814 -18.18 -26.68 -32.24
C ALA A 814 -17.68 -26.71 -33.67
N LYS A 815 -17.68 -25.53 -34.28
CA LYS A 815 -17.16 -25.33 -35.63
C LYS A 815 -16.28 -24.08 -35.62
N LEU A 816 -15.02 -24.27 -35.98
CA LEU A 816 -14.11 -23.14 -36.20
C LEU A 816 -13.95 -22.92 -37.69
N GLU A 817 -14.06 -21.66 -38.11
CA GLU A 817 -13.91 -21.26 -39.50
C GLU A 817 -12.95 -20.10 -39.60
N ALA A 818 -12.10 -20.11 -40.62
CA ALA A 818 -11.22 -19.00 -40.93
C ALA A 818 -11.70 -18.28 -42.16
N PHE A 819 -11.51 -16.96 -42.16
CA PHE A 819 -11.95 -16.11 -43.26
C PHE A 819 -10.83 -15.97 -44.28
N VAL A 820 -10.88 -16.77 -45.34
CA VAL A 820 -9.96 -16.64 -46.46
C VAL A 820 -10.67 -15.93 -47.60
N GLY A 821 -9.90 -15.51 -48.60
CA GLY A 821 -10.48 -14.73 -49.68
C GLY A 821 -10.90 -13.38 -49.15
N HIS A 822 -9.92 -12.57 -48.78
CA HIS A 822 -10.14 -11.51 -47.81
C HIS A 822 -11.18 -10.49 -48.30
N LEU A 823 -12.15 -10.23 -47.43
CA LEU A 823 -13.06 -9.10 -47.48
C LEU A 823 -13.93 -9.05 -48.74
N GLU A 824 -14.92 -9.95 -48.78
CA GLU A 824 -16.09 -9.88 -49.65
C GLU A 824 -16.67 -8.48 -49.75
N ASP A 825 -17.02 -8.08 -50.98
CA ASP A 825 -17.57 -6.73 -51.22
C ASP A 825 -16.70 -5.73 -50.47
N SER A 826 -15.64 -6.22 -49.82
CA SER A 826 -14.70 -5.33 -49.09
C SER A 826 -15.46 -4.25 -48.34
N SER A 827 -15.37 -3.00 -48.79
CA SER A 827 -15.99 -1.83 -48.12
C SER A 827 -15.05 -1.32 -47.02
N LYS A 828 -14.19 -2.19 -46.47
CA LYS A 828 -13.16 -1.80 -45.48
C LYS A 828 -13.76 -1.20 -44.20
N VAL A 829 -13.89 0.14 -44.14
CA VAL A 829 -14.52 0.78 -42.95
C VAL A 829 -15.98 0.36 -42.95
N LYS A 830 -16.66 0.53 -44.08
CA LYS A 830 -18.02 -0.07 -44.14
C LYS A 830 -17.72 -1.55 -44.05
N ASP A 831 -18.43 -2.28 -43.20
CA ASP A 831 -17.94 -3.66 -43.05
C ASP A 831 -19.01 -4.73 -43.12
N SER A 832 -18.97 -5.52 -44.18
CA SER A 832 -19.83 -6.73 -44.14
C SER A 832 -19.28 -7.33 -42.86
N LEU A 833 -20.03 -7.36 -41.76
CA LEU A 833 -19.41 -7.98 -40.58
C LEU A 833 -19.09 -9.42 -40.99
N GLU A 834 -18.58 -9.64 -42.20
CA GLU A 834 -18.18 -10.92 -42.78
C GLU A 834 -19.32 -11.92 -42.73
N LYS A 835 -20.52 -11.44 -42.43
CA LYS A 835 -21.66 -12.33 -42.24
C LYS A 835 -22.08 -13.02 -43.54
N SER A 836 -21.56 -12.62 -44.67
CA SER A 836 -22.08 -13.17 -45.94
C SER A 836 -20.89 -13.43 -46.84
N THR A 837 -20.16 -14.51 -46.61
CA THR A 837 -19.07 -14.79 -47.57
C THR A 837 -18.81 -16.29 -47.65
N GLU A 838 -17.74 -16.67 -48.35
CA GLU A 838 -17.34 -18.07 -48.29
C GLU A 838 -16.15 -18.11 -47.35
N TRP A 839 -16.37 -18.62 -46.14
CA TRP A 839 -15.29 -18.81 -45.15
C TRP A 839 -14.78 -20.24 -45.36
N VAL A 840 -13.70 -20.61 -44.71
CA VAL A 840 -13.25 -22.02 -44.79
C VAL A 840 -13.28 -22.67 -43.40
N THR A 841 -13.87 -23.85 -43.31
CA THR A 841 -13.94 -24.56 -42.04
C THR A 841 -12.57 -25.15 -41.69
N VAL A 842 -12.00 -24.71 -40.58
CA VAL A 842 -10.71 -25.22 -40.12
C VAL A 842 -10.87 -26.43 -39.22
N SER A 843 -11.92 -26.46 -38.39
CA SER A 843 -12.21 -27.62 -37.57
C SER A 843 -13.72 -27.78 -37.41
N ASP A 844 -14.12 -28.98 -37.03
CA ASP A 844 -15.53 -29.34 -36.82
C ASP A 844 -15.60 -30.33 -35.66
N TYR A 845 -15.81 -29.81 -34.45
CA TYR A 845 -15.71 -30.63 -33.25
C TYR A 845 -17.04 -31.27 -32.90
N SER A 846 -16.97 -32.50 -32.39
CA SER A 846 -18.16 -33.24 -31.99
C SER A 846 -17.74 -34.16 -30.83
N GLY A 847 -18.00 -33.73 -29.61
CA GLY A 847 -17.59 -34.50 -28.45
C GLY A 847 -18.25 -34.06 -27.18
N GLU A 848 -17.72 -34.53 -26.05
CA GLU A 848 -18.29 -34.19 -24.76
C GLU A 848 -17.23 -33.95 -23.69
N ALA A 849 -16.09 -33.39 -24.05
CA ALA A 849 -15.01 -33.24 -23.09
C ALA A 849 -14.96 -31.83 -22.52
N GLN A 850 -14.29 -31.71 -21.38
CA GLN A 850 -14.17 -30.42 -20.71
C GLN A 850 -13.29 -29.46 -21.52
N GLU A 851 -12.07 -29.88 -21.85
CA GLU A 851 -11.14 -29.12 -22.67
C GLU A 851 -10.91 -29.85 -23.97
N PHE A 852 -10.86 -29.12 -25.08
CA PHE A 852 -10.57 -29.69 -26.39
C PHE A 852 -9.44 -28.91 -27.03
N SER A 853 -8.52 -29.65 -27.65
CA SER A 853 -7.37 -29.05 -28.30
C SER A 853 -7.01 -29.88 -29.52
N GLN A 854 -6.54 -29.20 -30.57
CA GLN A 854 -6.39 -29.85 -31.87
C GLN A 854 -5.31 -29.15 -32.68
N PRO A 855 -4.50 -29.89 -33.42
CA PRO A 855 -3.55 -29.24 -34.34
C PRO A 855 -4.24 -28.78 -35.60
N LEU A 856 -3.76 -27.65 -36.14
CA LEU A 856 -4.29 -27.05 -37.35
C LEU A 856 -3.15 -26.77 -38.33
N ASN A 857 -3.53 -26.63 -39.62
CA ASN A 857 -2.58 -26.63 -40.73
C ASN A 857 -2.30 -25.21 -41.23
N ASN A 858 -1.51 -24.45 -40.47
CA ASN A 858 -0.82 -23.28 -40.97
C ASN A 858 -1.74 -22.28 -41.67
N ILE A 859 -2.63 -21.70 -40.89
CA ILE A 859 -3.55 -20.67 -41.41
C ILE A 859 -3.02 -19.30 -41.00
N GLY A 860 -3.17 -18.32 -41.90
CA GLY A 860 -2.73 -16.97 -41.62
C GLY A 860 -3.87 -15.97 -41.59
N ALA A 861 -5.05 -16.43 -41.23
CA ALA A 861 -6.23 -15.57 -41.24
C ALA A 861 -6.22 -14.62 -40.04
N LYS A 862 -6.74 -13.42 -40.28
CA LYS A 862 -6.95 -12.47 -39.20
C LYS A 862 -8.37 -12.55 -38.65
N TYR A 863 -9.34 -12.94 -39.47
CA TYR A 863 -10.74 -12.97 -39.11
C TYR A 863 -11.17 -14.41 -38.88
N TRP A 864 -11.80 -14.66 -37.74
CA TRP A 864 -12.23 -15.99 -37.36
C TRP A 864 -13.68 -15.97 -36.90
N ARG A 865 -14.30 -17.14 -36.97
CA ARG A 865 -15.65 -17.33 -36.48
C ARG A 865 -15.70 -18.68 -35.78
N ILE A 866 -16.32 -18.70 -34.60
CA ILE A 866 -16.58 -19.92 -33.88
C ILE A 866 -18.08 -20.01 -33.67
N THR A 867 -18.62 -21.20 -33.81
CA THR A 867 -20.02 -21.47 -33.52
C THR A 867 -20.08 -22.65 -32.55
N ILE A 868 -20.89 -22.53 -31.51
CA ILE A 868 -20.93 -23.54 -30.45
C ILE A 868 -22.38 -23.91 -30.15
N ASP A 869 -22.56 -25.13 -29.66
CA ASP A 869 -23.89 -25.66 -29.42
C ASP A 869 -23.80 -26.68 -28.30
N ASN A 870 -24.61 -26.54 -27.24
CA ASN A 870 -24.58 -27.52 -26.18
C ASN A 870 -25.73 -28.51 -26.28
N LYS A 871 -26.53 -28.44 -27.36
CA LYS A 871 -27.53 -29.45 -27.69
C LYS A 871 -28.68 -29.54 -26.68
N LYS A 872 -28.94 -28.49 -25.92
CA LYS A 872 -30.09 -28.48 -25.05
C LYS A 872 -31.24 -27.74 -25.76
N SER A 873 -32.30 -27.45 -25.02
CA SER A 873 -33.46 -26.76 -25.56
C SER A 873 -33.10 -25.35 -26.03
N GLN A 874 -34.07 -24.62 -26.58
CA GLN A 874 -33.83 -23.24 -26.98
C GLN A 874 -33.38 -22.39 -25.80
N TYR A 875 -33.76 -22.78 -24.60
CA TYR A 875 -33.30 -22.09 -23.41
C TYR A 875 -32.13 -22.85 -22.78
N GLY A 876 -31.06 -22.94 -23.56
CA GLY A 876 -29.91 -23.77 -23.29
C GLY A 876 -28.78 -23.02 -22.58
N TYR A 877 -28.72 -21.70 -22.75
CA TYR A 877 -27.73 -20.87 -22.09
C TYR A 877 -26.31 -21.42 -22.27
N VAL A 878 -25.88 -21.48 -23.53
CA VAL A 878 -24.59 -22.07 -23.86
C VAL A 878 -23.48 -21.10 -23.46
N SER A 879 -22.37 -21.66 -22.98
CA SER A 879 -21.34 -20.93 -22.25
C SER A 879 -19.96 -21.29 -22.77
N LEU A 880 -19.05 -20.32 -22.70
CA LEU A 880 -17.70 -20.48 -23.26
C LEU A 880 -16.73 -19.65 -22.41
N PRO A 881 -15.97 -20.29 -21.54
CA PRO A 881 -14.98 -19.55 -20.76
C PRO A 881 -13.83 -18.99 -21.57
N GLU A 882 -13.23 -19.78 -22.45
CA GLU A 882 -12.02 -19.34 -23.13
C GLU A 882 -11.80 -20.18 -24.38
N LEU A 883 -11.35 -19.50 -25.43
CA LEU A 883 -10.93 -20.11 -26.68
C LEU A 883 -9.55 -19.60 -27.05
N GLN A 884 -8.67 -20.50 -27.48
CA GLN A 884 -7.30 -20.15 -27.84
C GLN A 884 -7.03 -20.49 -29.31
N ILE A 885 -6.49 -19.52 -30.05
CA ILE A 885 -5.98 -19.73 -31.40
C ILE A 885 -4.46 -19.64 -31.30
N ILE A 886 -3.78 -20.77 -31.50
CA ILE A 886 -2.42 -20.98 -31.00
C ILE A 886 -1.45 -21.16 -32.17
N GLY A 887 -0.31 -20.47 -32.09
CA GLY A 887 0.76 -20.55 -33.06
C GLY A 887 1.90 -19.59 -32.80
N HIS A 888 2.41 -18.95 -33.86
CA HIS A 888 3.62 -18.14 -33.79
C HIS A 888 3.38 -16.77 -34.40
N ARG A 889 3.97 -15.74 -33.79
CA ARG A 889 3.82 -14.38 -34.28
C ARG A 889 4.61 -14.21 -35.57
N LEU A 890 3.89 -13.94 -36.66
CA LEU A 890 4.47 -13.72 -37.97
C LEU A 890 3.75 -12.55 -38.64
N PRO A 891 4.37 -11.37 -38.71
CA PRO A 891 3.65 -10.20 -39.23
C PRO A 891 3.27 -10.39 -40.69
N GLU A 892 1.98 -10.20 -40.98
CA GLU A 892 1.38 -10.46 -42.29
C GLU A 892 1.82 -11.81 -42.84
N ALA A 893 1.45 -12.87 -42.13
CA ALA A 893 1.62 -14.24 -42.59
C ALA A 893 0.58 -14.66 -43.61
N ALA A 894 -0.50 -13.88 -43.75
CA ALA A 894 -1.48 -14.17 -44.79
C ALA A 894 -0.88 -14.01 -46.18
N THR A 895 -0.13 -12.91 -46.40
CA THR A 895 0.57 -12.75 -47.68
C THR A 895 1.60 -13.85 -47.88
N VAL A 896 2.23 -14.31 -46.80
CA VAL A 896 3.15 -15.44 -46.90
C VAL A 896 2.38 -16.70 -47.31
N MET A 897 1.16 -16.86 -46.79
CA MET A 897 0.34 -17.99 -47.18
C MET A 897 -0.22 -17.82 -48.58
N THR A 898 -0.71 -16.62 -48.89
CA THR A 898 -1.25 -16.36 -50.22
C THR A 898 -0.24 -16.67 -51.31
N THR A 899 1.06 -16.55 -51.00
CA THR A 899 2.09 -16.83 -52.01
C THR A 899 2.38 -18.32 -52.10
N MET A 900 2.68 -18.96 -50.97
CA MET A 900 2.93 -20.39 -51.00
C MET A 900 1.72 -21.15 -51.55
N ALA A 901 0.53 -20.60 -51.37
CA ALA A 901 -0.65 -21.15 -52.02
C ALA A 901 -0.68 -20.78 -53.50
N ALA A 902 -0.44 -19.51 -53.83
CA ALA A 902 -0.38 -19.11 -55.23
C ALA A 902 0.86 -19.65 -55.93
N ALA A 903 1.90 -20.04 -55.17
CA ALA A 903 3.11 -20.57 -55.81
C ALA A 903 2.84 -21.91 -56.47
N GLU A 904 2.14 -22.80 -55.78
CA GLU A 904 1.79 -24.05 -56.42
C GLU A 904 0.56 -23.93 -57.32
N GLU A 905 -0.15 -22.79 -57.31
CA GLU A 905 -1.16 -22.59 -58.34
C GLU A 905 -0.64 -21.79 -59.52
N LEU A 906 0.54 -21.15 -59.40
CA LEU A 906 1.28 -20.81 -60.61
C LEU A 906 2.15 -21.96 -61.10
N SER A 907 2.37 -22.97 -60.26
CA SER A 907 2.65 -24.31 -60.75
C SER A 907 1.37 -25.11 -60.98
N GLN A 908 0.19 -24.46 -60.92
CA GLN A 908 -1.06 -25.17 -61.28
C GLN A 908 -1.51 -24.57 -62.60
N GLN A 909 -1.02 -23.37 -62.93
CA GLN A 909 -1.28 -22.90 -64.31
C GLN A 909 -0.61 -24.02 -65.11
N LYS A 910 0.58 -24.46 -64.68
CA LYS A 910 1.24 -25.67 -65.23
C LYS A 910 1.38 -25.67 -66.76
N ASP A 911 0.94 -24.62 -67.45
CA ASP A 911 1.20 -24.51 -68.91
C ASP A 911 2.60 -23.90 -68.99
N LYS A 912 3.45 -24.24 -68.03
CA LYS A 912 4.79 -23.63 -67.97
C LYS A 912 5.81 -24.62 -68.49
N PHE A 913 6.83 -24.12 -69.17
CA PHE A 913 7.98 -24.95 -69.60
C PHE A 913 8.83 -25.08 -68.34
N SER A 914 9.91 -24.31 -68.30
CA SER A 914 10.73 -24.25 -67.07
C SER A 914 11.09 -25.60 -66.45
N GLN A 915 11.01 -26.73 -67.14
CA GLN A 915 11.44 -27.99 -66.47
C GLN A 915 12.96 -27.93 -66.28
N GLU A 916 13.70 -27.37 -67.24
CA GLU A 916 15.13 -27.20 -67.07
C GLU A 916 15.40 -26.09 -66.06
N GLN A 917 14.53 -25.07 -66.06
CA GLN A 917 14.53 -23.99 -65.10
C GLN A 917 14.38 -24.54 -63.68
N LEU A 918 13.10 -24.89 -63.38
CA LEU A 918 12.54 -25.11 -62.01
C LEU A 918 12.98 -26.18 -61.04
N LYS A 919 14.16 -26.76 -61.22
CA LYS A 919 14.61 -27.63 -60.11
C LYS A 919 14.55 -26.63 -58.95
N GLU A 920 14.92 -25.38 -59.22
CA GLU A 920 14.99 -24.31 -58.20
C GLU A 920 13.60 -23.86 -57.76
N LEU A 921 12.67 -23.64 -58.68
CA LEU A 921 11.34 -23.23 -58.20
C LEU A 921 10.74 -24.33 -57.32
N GLU A 922 11.24 -25.56 -57.40
CA GLU A 922 10.62 -26.54 -56.47
C GLU A 922 11.45 -26.70 -55.19
N VAL A 923 12.77 -26.55 -55.29
CA VAL A 923 13.65 -26.78 -54.10
C VAL A 923 13.34 -25.71 -53.06
N LYS A 924 12.13 -25.17 -53.10
CA LYS A 924 11.86 -24.02 -52.26
C LYS A 924 10.47 -24.03 -51.65
N VAL A 925 9.42 -24.17 -52.48
CA VAL A 925 8.10 -24.48 -51.96
C VAL A 925 8.09 -25.80 -51.19
N ALA A 926 9.15 -26.60 -51.30
CA ALA A 926 9.38 -27.71 -50.38
C ALA A 926 10.51 -27.41 -49.39
N ALA A 927 10.97 -26.17 -49.31
CA ALA A 927 11.91 -25.75 -48.27
C ALA A 927 11.34 -24.67 -47.36
N LEU A 928 10.50 -23.79 -47.89
CA LEU A 928 9.66 -22.96 -47.03
C LEU A 928 8.59 -23.81 -46.36
N LYS A 929 7.95 -24.69 -47.14
CA LYS A 929 7.04 -25.67 -46.56
C LYS A 929 7.72 -26.47 -45.43
N ALA A 930 8.93 -26.94 -45.68
CA ALA A 930 9.63 -27.75 -44.69
C ALA A 930 10.13 -26.92 -43.52
N ALA A 931 10.35 -25.61 -43.71
CA ALA A 931 10.75 -24.74 -42.60
C ALA A 931 9.58 -24.22 -41.80
N LEU A 932 8.43 -24.01 -42.46
CA LEU A 932 7.23 -23.61 -41.72
C LEU A 932 6.73 -24.72 -40.82
N ASP A 933 6.90 -25.98 -41.23
CA ASP A 933 6.41 -27.13 -40.47
C ASP A 933 7.45 -27.69 -39.50
N ASN A 934 8.51 -26.93 -39.20
CA ASN A 934 9.55 -27.39 -38.30
C ASN A 934 9.21 -26.97 -36.88
N LYS A 935 9.35 -27.92 -35.94
CA LYS A 935 9.03 -27.66 -34.54
C LYS A 935 9.72 -26.40 -34.03
N MET A 936 10.91 -26.10 -34.53
CA MET A 936 11.56 -24.83 -34.23
C MET A 936 11.06 -23.76 -35.20
N PHE A 937 10.60 -22.65 -34.65
CA PHE A 937 10.10 -21.53 -35.45
C PHE A 937 11.22 -20.51 -35.60
N ASN A 938 11.82 -20.48 -36.78
CA ASN A 938 12.85 -19.48 -37.11
C ASN A 938 12.19 -18.42 -37.97
N ALA A 939 11.87 -17.27 -37.36
CA ALA A 939 11.26 -16.18 -38.11
C ALA A 939 12.19 -15.67 -39.20
N ASP A 940 13.50 -15.81 -39.00
CA ASP A 940 14.47 -15.33 -39.99
C ASP A 940 14.40 -16.17 -41.26
N THR A 941 14.42 -17.50 -41.11
CA THR A 941 14.40 -18.39 -42.26
C THR A 941 13.22 -18.11 -43.19
N ILE A 942 12.01 -18.11 -42.63
CA ILE A 942 10.81 -18.07 -43.46
C ILE A 942 10.66 -16.70 -44.12
N ASN A 943 10.96 -15.62 -43.40
CA ASN A 943 10.88 -14.30 -44.03
C ASN A 943 11.91 -14.14 -45.14
N ALA A 944 12.98 -14.95 -45.11
CA ALA A 944 13.89 -15.02 -46.25
C ALA A 944 13.24 -15.81 -47.39
N SER A 945 12.81 -17.04 -47.10
CA SER A 945 12.36 -17.95 -48.15
C SER A 945 11.12 -17.45 -48.85
N PHE A 946 10.27 -16.71 -48.16
CA PHE A 946 9.07 -16.20 -48.79
C PHE A 946 9.38 -15.04 -49.74
N ALA A 947 10.13 -14.05 -49.25
CA ALA A 947 10.57 -12.96 -50.10
C ALA A 947 11.37 -13.48 -51.29
N ASP A 948 11.98 -14.65 -51.16
CA ASP A 948 12.69 -15.27 -52.27
C ASP A 948 11.71 -15.63 -53.40
N VAL A 949 10.60 -16.30 -53.06
CA VAL A 949 9.77 -16.85 -54.13
C VAL A 949 8.99 -15.75 -54.86
N LYS A 950 8.66 -14.65 -54.19
CA LYS A 950 8.04 -13.59 -54.96
C LYS A 950 9.07 -12.77 -55.75
N ALA A 951 10.32 -13.23 -55.85
CA ALA A 951 11.16 -12.73 -56.92
C ALA A 951 10.60 -13.12 -58.28
N TYR A 952 9.54 -13.92 -58.31
CA TYR A 952 8.92 -14.39 -59.54
C TYR A 952 7.62 -13.65 -59.85
N ILE A 953 7.28 -12.60 -59.11
CA ILE A 953 6.29 -11.65 -59.59
C ILE A 953 6.78 -11.01 -60.88
N ASP A 954 8.09 -11.08 -61.14
CA ASP A 954 8.72 -10.72 -62.41
C ASP A 954 8.77 -11.90 -63.38
N LYS A 955 8.03 -12.97 -63.10
CA LYS A 955 7.98 -14.15 -63.97
C LYS A 955 9.37 -14.75 -64.18
CA CA B . -11.72 -16.01 -20.49
#